data_6MDC
#
_entry.id   6MDC
#
_cell.length_a   46.490
_cell.length_b   213.770
_cell.length_c   56.300
_cell.angle_alpha   90.000
_cell.angle_beta   97.020
_cell.angle_gamma   90.000
#
_symmetry.space_group_name_H-M   'P 1 21 1'
#
loop_
_entity.id
_entity.type
_entity.pdbx_description
1 polymer 'Tyrosine-protein phosphatase non-receptor type 11'
2 non-polymer 6-[(3S,4S)-4-amino-3-methyl-2-oxa-8-azaspiro[4.5]decan-8-yl]-3-[3-chloro-2-(cyclopropylamino)pyridin-4-yl]-5-methyl-2,5-dihydro-4H-pyrazolo[3,4-d]pyrimidin-4-one
3 non-polymer 'PHOSPHATE ION'
4 water water
#
_entity_poly.entity_id   1
_entity_poly.type   'polypeptide(L)'
_entity_poly.pdbx_seq_one_letter_code
;SMTSRRWFHPNITGVEAENLLLTRGVDGSFLARPSKSNPGDFTLSVRRNGAVTHIKIQNTGDYYDLYGGEKFATLAELVQ
YYMEHHGQLKEKNGDVIELKYPLNCADPTSERWFHGHLSGKEAEKLLTEKGKHGSFLVRESQSHPGDFVLSVRTGDDKGE
SNDGKSKVTHVMIRCQELKYDVGGGERFDSLTDLVEHYKKNPMVETLGTVLQLKQPLNTTRINAAEIESRVRELSKLAET
TDKVKQGFWEEFETLQQQECKLLYSRKEGQRQENKNKNRYKNILPFDHTRVVLHDGDPNEPVSDYINANIIMPEFETKCN
NSKPKKSYIATQGCLQNTVNDFWRMVFQENSRVIVMTTKEVERGKSKCVKYWPDEYALKEYGVMRVRNVKESAAHDYTLR
ELKLSKVGQGNTERTVWQYHFRTWPDHGVPSDPGGVLDFLEEVHHKQESIMDAGPVVVHCSAGIGRTGTFIVIDILIDII
REKGVDCDIDVPKTIQMVRSQRSGMVQTEAQYRFIYMAVQHYIETL
;
_entity_poly.pdbx_strand_id   A,B
#
loop_
_chem_comp.id
_chem_comp.type
_chem_comp.name
_chem_comp.formula
JEA non-polymer 6-[(3S,4S)-4-amino-3-methyl-2-oxa-8-azaspiro[4.5]decan-8-yl]-3-[3-chloro-2-(cyclopropylamino)pyridin-4-yl]-5-methyl-2,5-dihydro-4H-pyrazolo[3,4-d]pyrimidin-4-one 'C23 H29 Cl N8 O2'
PO4 non-polymer 'PHOSPHATE ION' 'O4 P -3'
#
# COMPACT_ATOMS: atom_id res chain seq x y z
N ARG A 5 30.15 23.35 10.83
CA ARG A 5 28.89 23.02 11.50
C ARG A 5 28.83 23.61 12.94
N ARG A 6 29.50 24.75 13.17
CA ARG A 6 29.52 25.37 14.51
C ARG A 6 28.18 26.00 14.95
N TRP A 7 27.23 26.25 13.98
CA TRP A 7 25.91 26.83 14.26
C TRP A 7 25.01 25.83 15.02
N PHE A 8 25.48 24.59 15.22
CA PHE A 8 24.71 23.59 15.93
C PHE A 8 25.14 23.51 17.39
N HIS A 9 24.22 23.80 18.32
CA HIS A 9 24.47 23.78 19.76
C HIS A 9 23.71 22.57 20.31
N PRO A 10 24.39 21.50 20.79
CA PRO A 10 23.65 20.30 21.23
C PRO A 10 22.97 20.36 22.59
N ASN A 11 23.40 21.27 23.48
CA ASN A 11 22.92 21.33 24.85
C ASN A 11 22.15 22.58 25.28
N ILE A 12 21.89 23.54 24.38
CA ILE A 12 21.17 24.77 24.79
C ILE A 12 19.64 24.59 24.80
N THR A 13 18.96 25.37 25.66
CA THR A 13 17.50 25.39 25.78
C THR A 13 16.97 26.49 24.83
N GLY A 14 15.65 26.52 24.63
CA GLY A 14 14.98 27.53 23.81
C GLY A 14 15.22 28.94 24.34
N VAL A 15 15.23 29.10 25.68
CA VAL A 15 15.48 30.34 26.41
C VAL A 15 16.96 30.78 26.24
N GLU A 16 17.91 29.85 26.45
CA GLU A 16 19.35 30.14 26.26
C GLU A 16 19.62 30.58 24.82
N ALA A 17 18.99 29.90 23.83
CA ALA A 17 19.10 30.19 22.40
C ALA A 17 18.68 31.62 22.10
N GLU A 18 17.55 32.05 22.69
CA GLU A 18 16.94 33.38 22.55
C GLU A 18 17.88 34.45 23.05
N ASN A 19 18.34 34.33 24.32
CA ASN A 19 19.29 35.24 24.96
C ASN A 19 20.64 35.28 24.23
N LEU A 20 21.08 34.13 23.64
CA LEU A 20 22.32 34.02 22.85
C LEU A 20 22.24 34.87 21.58
N LEU A 21 21.12 34.78 20.84
CA LEU A 21 20.90 35.51 19.60
C LEU A 21 20.62 37.01 19.84
N LEU A 22 19.98 37.34 20.97
CA LEU A 22 19.65 38.74 21.26
C LEU A 22 20.84 39.52 21.81
N THR A 23 21.71 38.86 22.60
CA THR A 23 22.87 39.53 23.17
C THR A 23 24.12 39.43 22.29
N ARG A 24 24.45 38.22 21.77
CA ARG A 24 25.66 37.97 20.98
C ARG A 24 25.46 37.96 19.45
N GLY A 25 24.20 37.99 19.01
CA GLY A 25 23.89 37.97 17.58
C GLY A 25 23.45 39.30 17.01
N VAL A 26 23.07 39.28 15.74
CA VAL A 26 22.58 40.44 14.97
C VAL A 26 21.42 39.96 14.09
N ASP A 27 20.71 40.89 13.39
CA ASP A 27 19.67 40.50 12.45
C ASP A 27 20.31 39.62 11.36
N GLY A 28 19.76 38.42 11.16
CA GLY A 28 20.31 37.46 10.21
C GLY A 28 21.07 36.34 10.89
N SER A 29 21.37 36.50 12.21
CA SER A 29 22.05 35.49 13.03
C SER A 29 21.15 34.28 13.25
N PHE A 30 21.74 33.09 13.25
CA PHE A 30 20.99 31.86 13.40
C PHE A 30 21.79 30.78 14.06
N LEU A 31 21.06 29.80 14.58
CA LEU A 31 21.60 28.59 15.16
C LEU A 31 20.56 27.47 15.07
N ALA A 32 20.99 26.23 15.24
CA ALA A 32 20.11 25.08 15.25
C ALA A 32 20.37 24.28 16.52
N ARG A 33 19.34 23.63 17.03
CA ARG A 33 19.48 22.89 18.28
C ARG A 33 18.54 21.69 18.38
N PRO A 34 18.88 20.66 19.20
CA PRO A 34 17.94 19.56 19.43
C PRO A 34 16.76 20.10 20.26
N SER A 35 15.54 19.70 19.90
CA SER A 35 14.33 20.14 20.60
C SER A 35 14.25 19.50 21.98
N LYS A 36 13.80 20.30 22.96
CA LYS A 36 13.65 19.90 24.35
C LYS A 36 12.21 19.46 24.58
N SER A 37 11.23 20.21 24.01
CA SER A 37 9.80 19.92 24.11
C SER A 37 9.47 18.59 23.40
N ASN A 38 10.02 18.39 22.18
CA ASN A 38 9.81 17.16 21.43
C ASN A 38 11.14 16.42 21.17
N PRO A 39 11.51 15.44 22.03
CA PRO A 39 12.78 14.71 21.82
C PRO A 39 12.80 13.94 20.50
N GLY A 40 13.83 14.19 19.70
CA GLY A 40 14.00 13.59 18.37
C GLY A 40 13.82 14.60 17.26
N ASP A 41 13.39 15.83 17.62
CA ASP A 41 13.15 16.94 16.69
C ASP A 41 14.21 18.04 16.86
N PHE A 42 14.19 19.06 15.96
CA PHE A 42 15.19 20.13 15.99
C PHE A 42 14.54 21.49 15.81
N THR A 43 15.26 22.54 16.16
CA THR A 43 14.77 23.92 16.00
C THR A 43 15.84 24.74 15.35
N LEU A 44 15.44 25.57 14.40
CA LEU A 44 16.31 26.55 13.78
C LEU A 44 15.83 27.89 14.39
N SER A 45 16.71 28.56 15.17
CA SER A 45 16.41 29.83 15.84
C SER A 45 17.09 30.95 15.06
N VAL A 46 16.30 31.85 14.48
CA VAL A 46 16.79 32.95 13.66
C VAL A 46 16.43 34.33 14.24
N ARG A 47 17.36 35.28 14.16
CA ARG A 47 17.09 36.63 14.59
C ARG A 47 16.72 37.48 13.38
N ARG A 48 15.51 38.07 13.43
CA ARG A 48 14.98 38.96 12.39
C ARG A 48 14.27 40.15 13.02
N ASN A 49 14.73 41.38 12.64
CA ASN A 49 14.20 42.67 13.09
C ASN A 49 14.06 42.80 14.63
N GLY A 50 15.15 42.47 15.35
CA GLY A 50 15.22 42.54 16.80
C GLY A 50 14.50 41.45 17.58
N ALA A 51 13.85 40.51 16.87
CA ALA A 51 13.12 39.40 17.48
C ALA A 51 13.64 38.02 17.01
N VAL A 52 13.41 36.96 17.84
CA VAL A 52 13.82 35.57 17.56
C VAL A 52 12.64 34.69 17.09
N THR A 53 12.78 34.11 15.87
CA THR A 53 11.84 33.18 15.23
C THR A 53 12.35 31.74 15.41
N HIS A 54 11.49 30.85 15.94
CA HIS A 54 11.81 29.45 16.15
C HIS A 54 11.10 28.59 15.11
N ILE A 55 11.87 27.97 14.19
CA ILE A 55 11.37 27.12 13.09
C ILE A 55 11.61 25.64 13.41
N LYS A 56 10.53 24.82 13.38
CA LYS A 56 10.64 23.40 13.67
C LYS A 56 11.22 22.57 12.52
N ILE A 57 12.09 21.62 12.87
CA ILE A 57 12.65 20.66 11.91
C ILE A 57 12.30 19.28 12.47
N GLN A 58 11.49 18.51 11.72
CA GLN A 58 11.08 17.17 12.13
C GLN A 58 11.86 16.10 11.35
N ASN A 59 12.27 15.03 12.04
CA ASN A 59 12.90 13.87 11.45
C ASN A 59 12.43 12.59 12.13
N THR A 60 11.51 11.88 11.46
CA THR A 60 10.98 10.58 11.94
C THR A 60 11.83 9.40 11.39
N GLY A 61 12.82 9.71 10.55
CA GLY A 61 13.73 8.71 10.00
C GLY A 61 13.84 8.67 8.49
N ASP A 62 13.11 9.55 7.77
CA ASP A 62 13.21 9.53 6.31
C ASP A 62 13.98 10.72 5.75
N TYR A 63 13.93 11.89 6.43
CA TYR A 63 14.55 13.16 6.00
C TYR A 63 14.30 14.26 7.03
N TYR A 64 15.00 15.39 6.93
CA TYR A 64 14.74 16.57 7.79
C TYR A 64 13.68 17.37 7.05
N ASP A 65 12.56 17.63 7.70
CA ASP A 65 11.45 18.38 7.12
C ASP A 65 11.36 19.72 7.85
N LEU A 66 11.78 20.80 7.16
CA LEU A 66 11.73 22.17 7.68
C LEU A 66 10.28 22.69 7.54
N TYR A 67 9.69 23.18 8.63
CA TYR A 67 8.34 23.76 8.58
C TYR A 67 8.44 25.06 7.79
N GLY A 68 7.61 25.20 6.76
CA GLY A 68 7.62 26.36 5.87
C GLY A 68 8.83 26.37 4.96
N GLY A 69 9.50 25.21 4.84
CA GLY A 69 10.68 25.02 4.01
C GLY A 69 10.62 23.75 3.18
N GLU A 70 11.80 23.15 2.94
CA GLU A 70 11.90 21.95 2.13
C GLU A 70 12.36 20.70 2.94
N LYS A 71 12.58 19.55 2.23
CA LYS A 71 13.03 18.29 2.79
C LYS A 71 14.53 18.11 2.49
N PHE A 72 15.33 17.77 3.51
CA PHE A 72 16.79 17.66 3.34
C PHE A 72 17.39 16.38 3.89
N ALA A 73 18.50 15.93 3.28
CA ALA A 73 19.22 14.72 3.69
C ALA A 73 20.06 14.94 4.97
N THR A 74 20.58 16.17 5.21
CA THR A 74 21.35 16.50 6.43
C THR A 74 21.02 17.93 6.87
N LEU A 75 21.34 18.26 8.14
CA LEU A 75 21.17 19.64 8.66
C LEU A 75 22.17 20.60 8.01
N ALA A 76 23.40 20.13 7.72
CA ALA A 76 24.41 20.96 7.05
C ALA A 76 23.97 21.31 5.61
N GLU A 77 23.30 20.35 4.91
CA GLU A 77 22.80 20.55 3.54
C GLU A 77 21.62 21.54 3.53
N LEU A 78 20.78 21.52 4.59
CA LEU A 78 19.63 22.40 4.80
C LEU A 78 20.13 23.85 4.95
N VAL A 79 21.13 24.05 5.84
CA VAL A 79 21.78 25.32 6.12
C VAL A 79 22.51 25.85 4.86
N GLN A 80 23.33 25.02 4.18
CA GLN A 80 24.03 25.40 2.96
C GLN A 80 23.01 25.94 1.93
N TYR A 81 21.86 25.26 1.79
CA TYR A 81 20.80 25.64 0.84
C TYR A 81 20.22 27.03 1.11
N TYR A 82 19.81 27.32 2.35
CA TYR A 82 19.26 28.62 2.70
C TYR A 82 20.33 29.71 2.77
N MET A 83 21.59 29.35 3.05
CA MET A 83 22.69 30.32 3.05
C MET A 83 23.19 30.68 1.63
N GLU A 84 22.84 29.84 0.63
CA GLU A 84 23.23 30.06 -0.77
C GLU A 84 22.02 30.42 -1.67
N HIS A 85 20.79 30.42 -1.10
CA HIS A 85 19.53 30.72 -1.82
C HIS A 85 18.64 31.68 -1.02
N ILE A 97 12.69 35.40 6.25
CA ILE A 97 13.68 34.78 7.13
C ILE A 97 14.99 34.52 6.38
N GLU A 98 16.02 35.32 6.69
CA GLU A 98 17.35 35.22 6.08
C GLU A 98 18.34 34.54 7.05
N LEU A 99 19.09 33.53 6.57
CA LEU A 99 20.16 32.87 7.34
C LEU A 99 21.46 33.51 6.83
N LYS A 100 21.99 34.49 7.58
CA LYS A 100 23.19 35.24 7.19
C LYS A 100 24.41 34.82 8.00
N TYR A 101 24.27 34.89 9.35
CA TYR A 101 25.38 34.67 10.24
C TYR A 101 25.23 33.50 11.17
N PRO A 102 26.05 32.44 11.01
CA PRO A 102 26.00 31.33 11.99
C PRO A 102 26.45 31.83 13.37
N LEU A 103 25.66 31.54 14.41
CA LEU A 103 26.08 31.89 15.75
C LEU A 103 26.76 30.62 16.29
N ASN A 104 28.09 30.68 16.40
CA ASN A 104 28.99 29.59 16.78
C ASN A 104 28.94 29.17 18.22
N CYS A 105 28.98 27.85 18.40
CA CYS A 105 28.92 27.08 19.64
C CYS A 105 30.33 26.84 20.10
N ALA A 106 30.58 27.00 21.41
CA ALA A 106 31.89 26.83 22.04
C ALA A 106 31.99 25.51 22.83
N ASP A 107 30.84 24.86 23.06
CA ASP A 107 30.68 23.60 23.80
C ASP A 107 31.38 22.45 23.05
N PRO A 108 32.37 21.79 23.68
CA PRO A 108 33.11 20.73 22.97
C PRO A 108 32.49 19.32 23.02
N THR A 109 31.24 19.15 23.55
CA THR A 109 30.59 17.81 23.70
C THR A 109 30.58 16.93 22.45
N SER A 110 30.33 17.48 21.24
CA SER A 110 30.28 16.67 20.01
C SER A 110 31.61 16.54 19.25
N GLU A 111 32.70 16.90 19.91
CA GLU A 111 34.01 16.74 19.30
C GLU A 111 34.43 15.29 19.50
N ARG A 112 35.09 14.70 18.48
CA ARG A 112 35.56 13.32 18.46
C ARG A 112 36.60 13.04 19.54
N TRP A 113 37.38 14.08 19.89
CA TRP A 113 38.49 14.04 20.83
C TRP A 113 38.11 14.39 22.28
N PHE A 114 36.93 14.97 22.47
CA PHE A 114 36.49 15.34 23.81
C PHE A 114 35.79 14.21 24.58
N HIS A 115 36.35 13.85 25.74
CA HIS A 115 35.81 12.83 26.62
C HIS A 115 35.50 13.51 27.94
N GLY A 116 34.30 14.04 28.07
CA GLY A 116 33.80 14.77 29.24
C GLY A 116 34.46 14.46 30.57
N HIS A 117 33.80 13.64 31.40
CA HIS A 117 34.37 13.26 32.68
C HIS A 117 35.04 11.89 32.59
N LEU A 118 36.33 11.93 32.22
CA LEU A 118 37.24 10.80 32.08
C LEU A 118 38.41 11.10 33.01
N SER A 119 38.81 10.10 33.82
CA SER A 119 39.92 10.22 34.76
C SER A 119 41.26 10.12 34.04
N GLY A 120 42.33 10.50 34.73
CA GLY A 120 43.70 10.46 34.23
C GLY A 120 44.24 9.07 34.00
N LYS A 121 43.91 8.14 34.92
CA LYS A 121 44.28 6.72 34.89
C LYS A 121 43.58 6.03 33.70
N GLU A 122 42.28 6.29 33.52
CA GLU A 122 41.48 5.75 32.41
C GLU A 122 41.99 6.25 31.05
N ALA A 123 42.35 7.55 30.94
CA ALA A 123 42.87 8.17 29.72
C ALA A 123 44.18 7.56 29.23
N GLU A 124 45.14 7.34 30.16
CA GLU A 124 46.45 6.75 29.87
C GLU A 124 46.33 5.31 29.36
N LYS A 125 45.50 4.45 30.02
CA LYS A 125 45.29 3.07 29.55
C LYS A 125 44.57 3.03 28.17
N LEU A 126 43.70 4.01 27.88
CA LEU A 126 43.01 4.14 26.60
C LEU A 126 44.03 4.47 25.50
N LEU A 127 44.94 5.43 25.74
CA LEU A 127 46.00 5.79 24.78
C LEU A 127 47.06 4.70 24.64
N THR A 128 47.26 3.93 25.70
CA THR A 128 48.25 2.85 25.74
C THR A 128 47.73 1.62 24.98
N GLU A 129 46.47 1.21 25.22
CA GLU A 129 45.86 0.02 24.58
C GLU A 129 45.25 0.27 23.18
N LYS A 130 44.76 1.50 22.90
CA LYS A 130 44.09 1.79 21.64
C LYS A 130 44.77 2.81 20.72
N GLY A 131 45.72 3.57 21.26
CA GLY A 131 46.43 4.62 20.53
C GLY A 131 47.53 4.17 19.60
N LYS A 132 48.02 5.14 18.84
CA LYS A 132 49.13 5.06 17.88
C LYS A 132 49.73 6.48 17.79
N HIS A 133 50.77 6.69 16.94
CA HIS A 133 51.40 7.99 16.80
C HIS A 133 50.40 9.12 16.38
N GLY A 134 50.32 10.17 17.18
CA GLY A 134 49.43 11.28 16.88
C GLY A 134 48.04 11.18 17.48
N SER A 135 47.74 10.06 18.19
CA SER A 135 46.43 9.87 18.85
C SER A 135 46.31 10.80 20.03
N PHE A 136 45.18 11.51 20.14
CA PHE A 136 44.98 12.46 21.24
C PHE A 136 43.52 12.54 21.72
N LEU A 137 43.36 13.01 22.96
CA LEU A 137 42.06 13.21 23.60
C LEU A 137 42.14 14.43 24.52
N VAL A 138 40.95 14.95 24.92
CA VAL A 138 40.83 16.06 25.84
C VAL A 138 39.79 15.65 26.89
N ARG A 139 40.18 15.73 28.18
CA ARG A 139 39.31 15.40 29.31
C ARG A 139 39.24 16.56 30.30
N GLU A 140 38.21 16.58 31.15
CA GLU A 140 38.08 17.57 32.23
C GLU A 140 39.08 17.16 33.33
N SER A 141 39.83 18.14 33.89
CA SER A 141 40.81 17.88 34.95
C SER A 141 40.13 17.51 36.29
N GLY A 146 37.41 23.14 36.79
CA GLY A 146 37.04 23.62 35.47
C GLY A 146 38.14 23.67 34.43
N ASP A 147 39.32 23.08 34.74
CA ASP A 147 40.46 23.01 33.83
C ASP A 147 40.36 21.74 32.97
N PHE A 148 41.25 21.59 31.98
CA PHE A 148 41.21 20.45 31.06
C PHE A 148 42.59 19.88 30.88
N VAL A 149 42.67 18.63 30.43
CA VAL A 149 43.94 17.97 30.17
C VAL A 149 43.92 17.48 28.74
N LEU A 150 44.99 17.73 27.99
CA LEU A 150 45.18 17.22 26.63
C LEU A 150 46.26 16.12 26.72
N SER A 151 45.92 14.90 26.31
CA SER A 151 46.82 13.76 26.36
C SER A 151 47.09 13.30 24.94
N VAL A 152 48.38 13.23 24.55
CA VAL A 152 48.84 12.88 23.20
C VAL A 152 49.89 11.78 23.27
N ARG A 153 49.80 10.79 22.37
CA ARG A 153 50.75 9.69 22.24
C ARG A 153 51.65 9.95 21.01
N THR A 154 52.98 9.74 21.18
CA THR A 154 53.97 9.87 20.10
C THR A 154 54.86 8.64 20.05
N GLY A 155 55.41 8.31 18.87
CA GLY A 155 56.33 7.19 18.72
C GLY A 155 56.19 6.34 17.48
N ASP A 156 56.61 5.07 17.58
CA ASP A 156 56.56 4.07 16.52
C ASP A 156 55.26 3.27 16.60
N SER A 166 57.67 4.76 21.98
CA SER A 166 56.41 5.48 22.16
C SER A 166 56.20 5.99 23.60
N LYS A 167 55.45 7.11 23.77
CA LYS A 167 55.16 7.74 25.07
C LYS A 167 53.89 8.60 25.06
N VAL A 168 53.30 8.84 26.24
CA VAL A 168 52.12 9.69 26.38
C VAL A 168 52.53 10.99 27.11
N THR A 169 52.19 12.16 26.52
CA THR A 169 52.47 13.47 27.10
C THR A 169 51.14 14.13 27.51
N HIS A 170 51.14 14.76 28.70
CA HIS A 170 49.97 15.48 29.22
C HIS A 170 50.24 16.98 29.23
N VAL A 171 49.31 17.75 28.63
CA VAL A 171 49.37 19.20 28.51
C VAL A 171 48.18 19.76 29.29
N MET A 172 48.46 20.61 30.28
CA MET A 172 47.40 21.22 31.10
C MET A 172 46.79 22.38 30.33
N ILE A 173 45.46 22.49 30.39
CA ILE A 173 44.65 23.52 29.75
C ILE A 173 43.91 24.29 30.83
N ARG A 174 44.42 25.48 31.15
CA ARG A 174 43.84 26.38 32.14
C ARG A 174 42.70 27.16 31.54
N CYS A 175 41.64 27.30 32.33
CA CYS A 175 40.50 28.13 31.95
C CYS A 175 40.50 29.32 32.91
N GLN A 176 40.93 30.49 32.40
CA GLN A 176 41.02 31.76 33.13
C GLN A 176 40.14 32.79 32.42
N GLU A 177 39.13 33.33 33.15
CA GLU A 177 38.17 34.32 32.68
C GLU A 177 37.54 33.96 31.32
N LEU A 178 36.88 32.77 31.27
CA LEU A 178 36.19 32.22 30.10
C LEU A 178 37.09 31.97 28.86
N LYS A 179 38.42 32.02 29.02
CA LYS A 179 39.37 31.76 27.94
C LYS A 179 40.26 30.59 28.31
N TYR A 180 40.74 29.85 27.29
CA TYR A 180 41.57 28.64 27.43
C TYR A 180 42.98 28.83 26.88
N ASP A 181 43.98 28.25 27.58
CA ASP A 181 45.39 28.34 27.20
C ASP A 181 46.20 27.14 27.74
N VAL A 182 47.36 26.88 27.11
CA VAL A 182 48.29 25.81 27.50
C VAL A 182 49.46 26.37 28.40
N GLY A 183 49.17 27.41 29.17
CA GLY A 183 50.12 28.05 30.06
C GLY A 183 51.06 29.06 29.40
N GLY A 184 50.69 29.52 28.20
CA GLY A 184 51.48 30.48 27.46
C GLY A 184 51.00 30.69 26.03
N GLY A 185 51.26 31.88 25.51
CA GLY A 185 50.91 32.28 24.14
C GLY A 185 49.49 32.81 24.00
N GLU A 186 48.77 32.27 23.01
CA GLU A 186 47.39 32.66 22.70
C GLU A 186 46.36 32.13 23.70
N ARG A 187 45.26 32.87 23.89
CA ARG A 187 44.13 32.54 24.75
C ARG A 187 42.90 32.42 23.86
N PHE A 188 42.27 31.23 23.86
CA PHE A 188 41.18 30.86 22.97
C PHE A 188 39.77 30.98 23.58
N ASP A 189 38.75 31.25 22.72
CA ASP A 189 37.34 31.37 23.12
C ASP A 189 36.71 30.02 23.50
N SER A 190 37.25 28.92 22.92
CA SER A 190 36.76 27.55 23.15
C SER A 190 37.90 26.54 23.08
N LEU A 191 37.60 25.29 23.49
CA LEU A 191 38.55 24.18 23.42
C LEU A 191 38.82 23.80 21.95
N THR A 192 37.79 23.93 21.09
CA THR A 192 37.84 23.61 19.66
C THR A 192 38.86 24.51 18.97
N ASP A 193 38.82 25.84 19.29
CA ASP A 193 39.73 26.86 18.76
C ASP A 193 41.18 26.59 19.17
N LEU A 194 41.41 26.13 20.41
CA LEU A 194 42.72 25.78 20.94
C LEU A 194 43.28 24.55 20.21
N VAL A 195 42.45 23.47 20.09
CA VAL A 195 42.80 22.21 19.41
C VAL A 195 43.11 22.44 17.93
N GLU A 196 42.28 23.27 17.23
CA GLU A 196 42.50 23.62 15.83
C GLU A 196 43.84 24.33 15.62
N HIS A 197 44.16 25.28 16.51
CA HIS A 197 45.43 26.01 16.49
C HIS A 197 46.64 25.10 16.70
N TYR A 198 46.58 24.21 17.69
CA TYR A 198 47.73 23.34 17.96
C TYR A 198 47.81 22.12 17.00
N LYS A 199 46.81 21.95 16.12
CA LYS A 199 46.81 20.91 15.06
C LYS A 199 47.61 21.48 13.87
N LYS A 200 47.36 22.76 13.52
CA LYS A 200 48.08 23.48 12.44
C LYS A 200 49.47 23.89 12.91
N ASN A 201 49.60 24.30 14.20
CA ASN A 201 50.85 24.73 14.81
C ASN A 201 51.25 23.79 15.97
N PRO A 202 51.82 22.58 15.67
CA PRO A 202 52.15 21.65 16.77
C PRO A 202 53.17 22.16 17.78
N MET A 203 52.88 21.89 19.06
CA MET A 203 53.74 22.27 20.19
C MET A 203 55.00 21.42 20.13
N VAL A 204 56.16 22.05 20.33
CA VAL A 204 57.42 21.33 20.29
C VAL A 204 57.97 21.31 21.70
N GLU A 205 58.38 20.11 22.14
CA GLU A 205 58.98 19.89 23.45
C GLU A 205 60.42 20.40 23.40
N THR A 206 60.99 20.76 24.56
CA THR A 206 62.34 21.32 24.72
C THR A 206 63.40 20.55 23.91
N LEU A 207 63.41 19.20 24.01
CA LEU A 207 64.39 18.35 23.34
C LEU A 207 63.98 17.91 21.92
N GLY A 208 62.94 18.53 21.38
CA GLY A 208 62.52 18.33 19.99
C GLY A 208 61.31 17.50 19.67
N THR A 209 60.63 16.89 20.67
CA THR A 209 59.44 16.07 20.41
C THR A 209 58.27 16.93 19.90
N VAL A 210 57.74 16.59 18.72
CA VAL A 210 56.61 17.33 18.13
C VAL A 210 55.31 16.66 18.65
N LEU A 211 54.48 17.41 19.37
CA LEU A 211 53.22 16.84 19.87
C LEU A 211 52.14 16.95 18.78
N GLN A 212 52.25 16.09 17.74
CA GLN A 212 51.36 16.04 16.59
C GLN A 212 49.98 15.49 16.97
N LEU A 213 48.92 16.25 16.68
CA LEU A 213 47.55 15.84 16.98
C LEU A 213 47.00 15.39 15.64
N LYS A 214 47.37 14.17 15.24
CA LYS A 214 47.06 13.58 13.95
C LYS A 214 45.63 13.10 13.84
N GLN A 215 45.12 12.39 14.86
CA GLN A 215 43.78 11.82 14.90
C GLN A 215 43.25 11.64 16.32
N PRO A 216 41.92 11.80 16.54
CA PRO A 216 41.37 11.54 17.87
C PRO A 216 41.50 10.07 18.22
N LEU A 217 41.52 9.76 19.51
CA LEU A 217 41.63 8.37 19.96
C LEU A 217 40.39 7.58 19.51
N ASN A 218 40.63 6.42 18.86
CA ASN A 218 39.56 5.55 18.41
C ASN A 218 39.07 4.75 19.61
N THR A 219 37.93 5.16 20.19
CA THR A 219 37.30 4.53 21.34
C THR A 219 35.99 3.84 20.96
N THR A 220 35.51 4.08 19.72
CA THR A 220 34.27 3.50 19.17
C THR A 220 34.48 2.07 18.60
N ARG A 221 35.71 1.73 18.19
CA ARG A 221 35.98 0.38 17.68
C ARG A 221 35.96 -0.61 18.86
N ILE A 222 35.07 -1.58 18.80
CA ILE A 222 34.88 -2.62 19.80
C ILE A 222 35.03 -3.99 19.17
N ASN A 223 35.35 -5.00 20.00
CA ASN A 223 35.41 -6.38 19.57
C ASN A 223 33.94 -6.82 19.51
N ALA A 224 33.53 -7.51 18.43
CA ALA A 224 32.13 -7.95 18.22
C ALA A 224 31.57 -8.77 19.39
N ALA A 225 32.45 -9.57 20.03
CA ALA A 225 32.08 -10.35 21.20
C ALA A 225 31.71 -9.48 22.39
N GLU A 226 32.29 -8.26 22.50
CA GLU A 226 32.07 -7.32 23.61
C GLU A 226 30.92 -6.26 23.38
N ILE A 227 30.09 -6.45 22.33
CA ILE A 227 28.93 -5.58 21.98
C ILE A 227 27.97 -5.34 23.18
N GLU A 228 27.61 -6.41 23.93
CA GLU A 228 26.68 -6.32 25.07
C GLU A 228 27.16 -5.34 26.16
N SER A 229 28.49 -5.33 26.45
CA SER A 229 29.11 -4.42 27.40
C SER A 229 29.03 -2.96 26.93
N ARG A 230 29.36 -2.71 25.63
CA ARG A 230 29.28 -1.37 25.02
C ARG A 230 27.83 -0.86 24.99
N VAL A 231 26.85 -1.73 24.57
CA VAL A 231 25.42 -1.38 24.51
C VAL A 231 24.94 -0.96 25.93
N ARG A 232 25.44 -1.65 26.98
CA ARG A 232 25.17 -1.37 28.39
C ARG A 232 25.72 0.01 28.82
N GLU A 233 27.01 0.32 28.50
CA GLU A 233 27.61 1.62 28.84
C GLU A 233 26.96 2.77 28.03
N LEU A 234 26.60 2.52 26.72
CA LEU A 234 25.89 3.50 25.88
C LEU A 234 24.46 3.73 26.33
N SER A 235 23.82 2.72 26.95
CA SER A 235 22.42 2.85 27.44
C SER A 235 22.31 3.63 28.75
N LYS A 236 23.43 3.76 29.52
CA LYS A 236 23.49 4.51 30.78
C LYS A 236 23.34 6.03 30.52
N LEU A 237 22.99 6.80 31.56
CA LEU A 237 22.83 8.27 31.48
C LEU A 237 24.18 8.98 31.36
N GLN A 246 21.42 9.57 27.19
CA GLN A 246 22.28 8.38 27.13
C GLN A 246 23.55 8.58 26.30
N GLY A 247 24.50 7.64 26.45
CA GLY A 247 25.76 7.61 25.73
C GLY A 247 25.60 7.43 24.23
N PHE A 248 24.49 6.78 23.79
CA PHE A 248 24.13 6.59 22.38
C PHE A 248 24.01 7.94 21.69
N TRP A 249 23.36 8.93 22.39
CA TRP A 249 23.13 10.30 21.92
C TRP A 249 24.44 11.07 21.66
N GLU A 250 25.40 11.05 22.63
CA GLU A 250 26.71 11.69 22.54
C GLU A 250 27.51 11.13 21.36
N GLU A 251 27.48 9.81 21.19
CA GLU A 251 28.16 9.15 20.09
C GLU A 251 27.54 9.51 18.73
N PHE A 252 26.20 9.55 18.65
CA PHE A 252 25.49 9.90 17.43
C PHE A 252 25.67 11.36 17.03
N GLU A 253 25.58 12.29 18.02
CA GLU A 253 25.79 13.71 17.77
C GLU A 253 27.26 14.05 17.37
N THR A 254 28.26 13.28 17.87
CA THR A 254 29.66 13.42 17.48
C THR A 254 29.79 13.01 16.02
N LEU A 255 29.04 11.97 15.60
CA LEU A 255 28.96 11.51 14.19
C LEU A 255 28.31 12.60 13.30
N GLN A 256 27.22 13.20 13.77
CA GLN A 256 26.50 14.22 13.02
C GLN A 256 27.32 15.47 12.70
N GLN A 257 28.21 15.89 13.64
CA GLN A 257 29.08 17.05 13.58
C GLN A 257 30.07 16.91 12.43
N GLN A 258 30.36 15.66 12.05
CA GLN A 258 31.29 15.31 10.99
C GLN A 258 30.67 15.29 9.58
N GLU A 259 29.35 15.48 9.45
CA GLU A 259 28.67 15.46 8.15
C GLU A 259 29.04 16.66 7.25
N CYS A 260 29.52 17.76 7.86
CA CYS A 260 29.95 18.98 7.15
C CYS A 260 31.18 18.73 6.24
N LYS A 261 31.87 17.58 6.44
CA LYS A 261 33.02 17.14 5.62
C LYS A 261 32.51 16.43 4.37
N LEU A 262 31.18 16.14 4.30
CA LEU A 262 30.56 15.37 3.22
C LEU A 262 29.64 16.22 2.28
N LEU A 263 29.94 17.51 2.10
CA LEU A 263 29.18 18.37 1.18
C LEU A 263 29.76 18.28 -0.25
N TYR A 264 29.78 17.05 -0.82
CA TYR A 264 30.27 16.79 -2.19
C TYR A 264 29.29 17.30 -3.26
N SER A 265 29.79 17.52 -4.49
CA SER A 265 28.92 17.99 -5.59
C SER A 265 27.79 16.99 -5.94
N ARG A 266 26.63 17.57 -6.20
CA ARG A 266 25.36 16.95 -6.59
C ARG A 266 24.79 17.74 -7.80
N LYS A 267 25.66 18.15 -8.74
CA LYS A 267 25.33 18.93 -9.93
C LYS A 267 24.35 18.27 -10.91
N GLU A 268 24.54 16.98 -11.28
CA GLU A 268 23.69 16.28 -12.26
C GLU A 268 22.23 16.23 -11.88
N GLY A 269 21.95 16.06 -10.59
CA GLY A 269 20.59 16.06 -10.06
C GLY A 269 19.95 17.43 -10.08
N GLN A 270 20.76 18.49 -10.23
CA GLN A 270 20.30 19.89 -10.27
C GLN A 270 20.01 20.36 -11.69
N ARG A 271 20.48 19.60 -12.72
CA ARG A 271 20.19 19.93 -14.13
C ARG A 271 18.69 19.97 -14.38
N GLN A 272 18.23 21.01 -15.10
CA GLN A 272 16.81 21.26 -15.41
C GLN A 272 16.07 19.99 -15.86
N GLU A 273 16.71 19.28 -16.79
CA GLU A 273 16.26 18.05 -17.43
C GLU A 273 16.16 16.85 -16.49
N ASN A 274 16.72 16.95 -15.27
CA ASN A 274 16.74 15.90 -14.25
C ASN A 274 15.92 16.24 -12.99
N LYS A 275 15.37 17.46 -12.90
CA LYS A 275 14.62 17.92 -11.75
C LYS A 275 13.37 17.08 -11.42
N ASN A 276 12.55 16.73 -12.43
CA ASN A 276 11.33 15.96 -12.18
C ASN A 276 11.61 14.43 -12.04
N LYS A 277 12.90 14.06 -12.02
CA LYS A 277 13.37 12.67 -11.83
C LYS A 277 13.70 12.43 -10.34
N ASN A 278 13.53 13.46 -9.49
CA ASN A 278 13.83 13.39 -8.06
C ASN A 278 12.55 13.49 -7.27
N ARG A 279 12.38 12.58 -6.30
CA ARG A 279 11.19 12.55 -5.45
C ARG A 279 11.13 13.80 -4.58
N TYR A 280 12.29 14.16 -4.02
CA TYR A 280 12.46 15.37 -3.23
C TYR A 280 13.56 16.16 -3.92
N LYS A 281 13.25 17.39 -4.32
CA LYS A 281 14.10 18.34 -5.05
C LYS A 281 15.53 18.46 -4.51
N ASN A 282 15.67 18.60 -3.19
CA ASN A 282 16.96 18.79 -2.52
C ASN A 282 17.67 17.50 -2.04
N ILE A 283 17.11 16.29 -2.29
CA ILE A 283 17.76 15.06 -1.84
C ILE A 283 18.30 14.42 -3.10
N LEU A 284 19.59 14.69 -3.38
CA LEU A 284 20.31 14.40 -4.61
C LEU A 284 21.49 13.50 -4.48
N PRO A 285 21.75 12.68 -5.54
CA PRO A 285 22.91 11.80 -5.48
C PRO A 285 24.22 12.58 -5.71
N PHE A 286 25.29 12.16 -5.00
CA PHE A 286 26.62 12.70 -5.18
C PHE A 286 27.02 12.31 -6.61
N ASP A 287 27.65 13.21 -7.33
CA ASP A 287 28.06 12.95 -8.71
C ASP A 287 29.12 11.87 -8.85
N HIS A 288 29.99 11.72 -7.83
CA HIS A 288 31.13 10.79 -7.86
C HIS A 288 30.74 9.32 -7.57
N THR A 289 29.52 9.05 -7.11
CA THR A 289 29.10 7.67 -6.84
C THR A 289 27.76 7.33 -7.53
N ARG A 290 27.12 8.31 -8.19
CA ARG A 290 25.84 8.15 -8.87
C ARG A 290 25.85 7.07 -9.95
N VAL A 291 24.72 6.41 -10.13
CA VAL A 291 24.61 5.36 -11.15
C VAL A 291 24.43 6.06 -12.51
N VAL A 292 25.37 5.85 -13.43
CA VAL A 292 25.29 6.48 -14.75
C VAL A 292 24.65 5.48 -15.70
N LEU A 293 23.51 5.88 -16.28
CA LEU A 293 22.74 5.03 -17.20
C LEU A 293 23.28 5.18 -18.63
N HIS A 294 23.68 4.06 -19.24
CA HIS A 294 24.18 4.02 -20.62
C HIS A 294 23.13 3.42 -21.55
N ASP A 295 23.39 3.42 -22.87
CA ASP A 295 22.51 2.88 -23.92
C ASP A 295 21.05 3.40 -23.84
N GLY A 296 20.91 4.71 -23.59
CA GLY A 296 19.62 5.36 -23.54
C GLY A 296 19.18 5.81 -24.91
N ASP A 297 17.86 6.00 -25.11
CA ASP A 297 17.26 6.45 -26.37
C ASP A 297 18.08 7.61 -26.99
N PRO A 298 18.63 7.45 -28.22
CA PRO A 298 19.46 8.51 -28.81
C PRO A 298 18.73 9.85 -29.05
N ASN A 299 17.39 9.81 -29.11
CA ASN A 299 16.49 10.96 -29.30
C ASN A 299 16.27 11.75 -27.98
N GLU A 300 16.69 11.17 -26.83
CA GLU A 300 16.59 11.78 -25.50
C GLU A 300 17.88 12.52 -25.14
N PRO A 301 17.83 13.88 -25.06
CA PRO A 301 19.06 14.65 -24.74
C PRO A 301 19.80 14.21 -23.48
N VAL A 302 19.04 13.83 -22.44
CA VAL A 302 19.56 13.34 -21.16
C VAL A 302 18.84 12.05 -20.73
N SER A 303 19.50 10.93 -20.92
CA SER A 303 18.95 9.62 -20.58
C SER A 303 19.87 8.87 -19.61
N ASP A 304 20.87 9.57 -19.02
CA ASP A 304 21.88 8.95 -18.16
C ASP A 304 21.66 9.12 -16.63
N TYR A 305 20.56 9.73 -16.20
CA TYR A 305 20.32 10.04 -14.80
C TYR A 305 19.24 9.24 -14.07
N ILE A 306 19.61 8.86 -12.82
CA ILE A 306 18.75 8.21 -11.84
C ILE A 306 19.15 8.72 -10.41
N ASN A 307 18.17 8.91 -9.53
CA ASN A 307 18.53 9.30 -8.17
C ASN A 307 18.86 7.99 -7.41
N ALA A 308 20.10 7.53 -7.61
CA ALA A 308 20.68 6.28 -7.09
C ALA A 308 22.21 6.46 -6.97
N ASN A 309 22.82 5.78 -5.95
CA ASN A 309 24.28 5.77 -5.72
C ASN A 309 24.81 4.37 -5.48
N ILE A 310 26.04 4.08 -5.94
CA ILE A 310 26.72 2.81 -5.62
C ILE A 310 27.26 2.98 -4.21
N ILE A 311 27.07 1.95 -3.37
CA ILE A 311 27.60 1.93 -2.00
C ILE A 311 28.53 0.71 -1.90
N MET A 312 29.82 0.95 -1.69
CA MET A 312 30.82 -0.08 -1.58
C MET A 312 31.29 -0.23 -0.15
N PRO A 313 31.30 -1.45 0.43
CA PRO A 313 31.86 -1.63 1.78
C PRO A 313 33.38 -1.35 1.73
N GLU A 314 33.92 -0.69 2.77
CA GLU A 314 35.34 -0.24 2.85
C GLU A 314 35.74 0.50 1.54
N PHE A 315 35.27 1.76 1.42
CA PHE A 315 35.50 2.67 0.30
C PHE A 315 36.57 3.71 0.65
N LYS A 323 33.89 -5.39 -4.91
CA LYS A 323 33.27 -6.42 -5.73
C LYS A 323 31.81 -6.06 -6.04
N PRO A 324 31.36 -6.06 -7.33
CA PRO A 324 29.95 -5.74 -7.65
C PRO A 324 28.95 -6.55 -6.81
N LYS A 325 29.26 -7.84 -6.53
CA LYS A 325 28.46 -8.71 -5.70
C LYS A 325 28.17 -8.06 -4.33
N LYS A 326 29.19 -7.94 -3.44
CA LYS A 326 29.01 -7.39 -2.08
C LYS A 326 28.81 -5.86 -2.01
N SER A 327 28.36 -5.28 -3.12
CA SER A 327 28.00 -3.88 -3.29
C SER A 327 26.47 -3.65 -3.20
N TYR A 328 26.07 -2.38 -3.16
CA TYR A 328 24.67 -1.99 -3.01
C TYR A 328 24.41 -0.81 -3.86
N ILE A 329 23.13 -0.57 -4.14
CA ILE A 329 22.69 0.61 -4.84
C ILE A 329 21.58 1.13 -3.93
N ALA A 330 21.80 2.31 -3.34
CA ALA A 330 20.82 2.94 -2.50
C ALA A 330 20.11 3.95 -3.41
N THR A 331 18.78 3.82 -3.51
CA THR A 331 17.97 4.63 -4.40
C THR A 331 16.67 5.00 -3.75
N GLN A 332 16.02 6.03 -4.33
CA GLN A 332 14.73 6.52 -3.90
C GLN A 332 13.65 5.58 -4.49
N GLY A 333 12.46 5.66 -3.92
CA GLY A 333 11.28 4.99 -4.45
C GLY A 333 10.90 5.60 -5.79
N CYS A 334 10.55 4.74 -6.75
CA CYS A 334 10.17 5.10 -8.11
C CYS A 334 9.13 6.15 -8.16
N LEU A 335 9.27 7.04 -9.11
CA LEU A 335 8.23 7.99 -9.47
C LEU A 335 7.63 7.34 -10.75
N GLN A 336 6.36 7.67 -11.12
CA GLN A 336 5.75 7.06 -12.31
C GLN A 336 6.61 7.31 -13.59
N ASN A 337 7.32 8.45 -13.64
CA ASN A 337 8.19 8.83 -14.75
C ASN A 337 9.63 8.29 -14.63
N THR A 338 9.97 7.49 -13.58
CA THR A 338 11.33 6.92 -13.43
C THR A 338 11.32 5.40 -13.40
N VAL A 339 10.13 4.79 -13.56
CA VAL A 339 9.99 3.32 -13.53
C VAL A 339 10.82 2.65 -14.63
N ASN A 340 10.82 3.25 -15.85
CA ASN A 340 11.61 2.69 -16.96
C ASN A 340 13.11 2.80 -16.68
N ASP A 341 13.59 3.95 -16.12
CA ASP A 341 14.98 4.25 -15.72
C ASP A 341 15.44 3.25 -14.65
N PHE A 342 14.58 2.93 -13.67
CA PHE A 342 14.79 1.95 -12.63
C PHE A 342 15.10 0.55 -13.24
N TRP A 343 14.26 0.05 -14.16
CA TRP A 343 14.50 -1.26 -14.79
C TRP A 343 15.75 -1.25 -15.68
N ARG A 344 16.07 -0.12 -16.33
CA ARG A 344 17.31 0.07 -17.10
C ARG A 344 18.53 -0.02 -16.16
N MET A 345 18.40 0.58 -14.95
CA MET A 345 19.46 0.53 -13.96
C MET A 345 19.72 -0.90 -13.51
N VAL A 346 18.64 -1.63 -13.10
CA VAL A 346 18.68 -3.03 -12.62
C VAL A 346 19.32 -3.93 -13.67
N PHE A 347 18.98 -3.71 -14.94
CA PHE A 347 19.50 -4.50 -16.06
C PHE A 347 20.98 -4.27 -16.29
N GLN A 348 21.37 -3.01 -16.42
CA GLN A 348 22.76 -2.60 -16.67
C GLN A 348 23.73 -2.99 -15.51
N GLU A 349 23.23 -3.00 -14.27
CA GLU A 349 24.05 -3.32 -13.11
C GLU A 349 24.13 -4.79 -12.81
N ASN A 350 23.31 -5.61 -13.51
CA ASN A 350 23.24 -7.06 -13.33
C ASN A 350 22.70 -7.46 -11.92
N SER A 351 21.97 -6.53 -11.27
CA SER A 351 21.33 -6.75 -9.98
C SER A 351 20.29 -7.88 -10.12
N ARG A 352 20.27 -8.77 -9.14
CA ARG A 352 19.41 -9.95 -9.11
C ARG A 352 18.53 -9.96 -7.89
N VAL A 353 18.69 -8.94 -7.02
CA VAL A 353 18.01 -8.82 -5.71
C VAL A 353 17.74 -7.32 -5.46
N ILE A 354 16.48 -7.02 -5.18
CA ILE A 354 15.91 -5.73 -4.83
C ILE A 354 15.32 -5.86 -3.40
N VAL A 355 15.61 -4.87 -2.58
CA VAL A 355 15.12 -4.78 -1.22
C VAL A 355 14.30 -3.48 -1.17
N MET A 356 12.98 -3.62 -0.99
CA MET A 356 12.03 -2.54 -0.83
C MET A 356 11.69 -2.50 0.71
N THR A 357 12.02 -1.41 1.41
CA THR A 357 11.85 -1.27 2.86
C THR A 357 10.65 -0.35 3.27
N THR A 358 9.76 -0.11 2.33
CA THR A 358 8.59 0.71 2.58
C THR A 358 7.37 0.14 1.88
N LYS A 359 6.20 0.48 2.41
CA LYS A 359 4.93 0.14 1.80
C LYS A 359 4.76 1.15 0.65
N GLU A 360 3.99 0.83 -0.38
CA GLU A 360 3.75 1.77 -1.50
C GLU A 360 3.12 3.09 -1.01
N VAL A 361 2.28 2.99 0.06
CA VAL A 361 1.54 4.09 0.65
C VAL A 361 1.69 4.03 2.14
N GLU A 362 2.08 5.17 2.72
CA GLU A 362 2.21 5.31 4.16
C GLU A 362 1.60 6.63 4.59
N ARG A 363 0.65 6.58 5.56
CA ARG A 363 -0.03 7.75 6.13
C ARG A 363 -0.70 8.59 5.04
N GLY A 364 -1.36 7.90 4.11
CA GLY A 364 -2.07 8.51 2.98
C GLY A 364 -1.20 9.15 1.92
N LYS A 365 0.12 8.88 1.94
CA LYS A 365 1.06 9.48 0.98
C LYS A 365 1.85 8.43 0.19
N SER A 366 1.99 8.65 -1.13
CA SER A 366 2.73 7.79 -2.07
C SER A 366 4.24 7.83 -1.73
N LYS A 367 4.80 6.67 -1.37
CA LYS A 367 6.24 6.52 -1.00
C LYS A 367 7.06 5.92 -2.15
N CYS A 368 6.39 5.15 -3.02
CA CYS A 368 6.98 4.44 -4.16
C CYS A 368 5.84 3.95 -5.04
N VAL A 369 5.97 4.11 -6.35
CA VAL A 369 4.92 3.60 -7.25
C VAL A 369 5.14 2.10 -7.50
N LYS A 370 4.08 1.35 -7.84
CA LYS A 370 4.17 -0.08 -8.13
C LYS A 370 4.99 -0.25 -9.42
N TYR A 371 6.25 -0.70 -9.30
CA TYR A 371 7.09 -0.79 -10.51
C TYR A 371 7.16 -2.22 -11.07
N TRP A 372 6.46 -3.15 -10.43
CA TRP A 372 6.43 -4.56 -10.82
C TRP A 372 5.01 -4.94 -11.30
N PRO A 373 4.82 -5.95 -12.18
CA PRO A 373 3.45 -6.33 -12.56
C PRO A 373 2.74 -7.16 -11.49
N ASP A 374 1.40 -7.33 -11.63
CA ASP A 374 0.63 -8.22 -10.75
C ASP A 374 1.12 -9.67 -10.94
N GLU A 375 0.86 -10.54 -9.96
CA GLU A 375 1.28 -11.95 -10.04
C GLU A 375 0.75 -12.59 -11.35
N TYR A 376 1.69 -13.18 -12.12
CA TYR A 376 1.54 -13.89 -13.41
C TYR A 376 1.44 -12.94 -14.62
N ALA A 377 1.36 -11.62 -14.37
CA ALA A 377 1.29 -10.65 -15.45
C ALA A 377 2.68 -10.33 -16.03
N LEU A 378 2.69 -9.92 -17.29
CA LEU A 378 3.86 -9.51 -18.05
C LEU A 378 3.63 -8.05 -18.49
N LYS A 379 4.58 -7.15 -18.15
CA LYS A 379 4.54 -5.74 -18.49
C LYS A 379 5.83 -5.31 -19.17
N GLU A 380 5.74 -4.34 -20.06
CA GLU A 380 6.89 -3.78 -20.74
C GLU A 380 7.07 -2.37 -20.17
N TYR A 381 8.28 -2.06 -19.70
CA TYR A 381 8.64 -0.77 -19.11
C TYR A 381 9.72 -0.23 -20.02
N GLY A 382 9.30 0.49 -21.07
CA GLY A 382 10.20 0.98 -22.12
C GLY A 382 10.73 -0.22 -22.89
N VAL A 383 12.05 -0.33 -23.03
CA VAL A 383 12.69 -1.47 -23.70
C VAL A 383 12.88 -2.70 -22.76
N MET A 384 12.49 -2.58 -21.48
CA MET A 384 12.60 -3.70 -20.53
C MET A 384 11.29 -4.43 -20.39
N ARG A 385 11.36 -5.73 -20.22
CA ARG A 385 10.20 -6.60 -20.09
C ARG A 385 10.27 -7.29 -18.74
N VAL A 386 9.18 -7.27 -17.98
CA VAL A 386 9.15 -7.90 -16.66
C VAL A 386 7.91 -8.79 -16.49
N ARG A 387 8.16 -10.04 -16.15
CA ARG A 387 7.13 -11.00 -15.81
C ARG A 387 7.18 -11.22 -14.30
N ASN A 388 6.03 -11.20 -13.64
CA ASN A 388 6.00 -11.53 -12.21
C ASN A 388 5.60 -13.00 -12.21
N VAL A 389 6.55 -13.90 -11.85
CA VAL A 389 6.41 -15.36 -11.85
C VAL A 389 5.61 -15.89 -10.64
N LYS A 390 5.97 -15.46 -9.42
CA LYS A 390 5.35 -15.93 -8.21
C LYS A 390 5.53 -14.92 -7.09
N GLU A 391 4.57 -14.88 -6.16
CA GLU A 391 4.60 -14.03 -4.95
C GLU A 391 4.47 -14.94 -3.73
N SER A 392 5.44 -14.89 -2.83
CA SER A 392 5.48 -15.70 -1.63
C SER A 392 5.43 -14.80 -0.39
N ALA A 393 4.36 -14.92 0.40
CA ALA A 393 4.20 -14.12 1.60
C ALA A 393 4.76 -14.82 2.82
N ALA A 394 5.50 -14.06 3.62
CA ALA A 394 6.06 -14.44 4.91
C ALA A 394 5.37 -13.49 5.91
N HIS A 395 5.65 -13.62 7.21
CA HIS A 395 5.06 -12.78 8.26
C HIS A 395 5.42 -11.28 8.09
N ASP A 396 6.73 -10.99 8.02
CA ASP A 396 7.28 -9.64 7.95
C ASP A 396 7.47 -9.07 6.55
N TYR A 397 7.41 -9.92 5.52
CA TYR A 397 7.72 -9.47 4.17
C TYR A 397 7.11 -10.33 3.04
N THR A 398 7.18 -9.82 1.79
CA THR A 398 6.72 -10.50 0.58
C THR A 398 7.93 -10.69 -0.34
N LEU A 399 8.03 -11.87 -0.97
CA LEU A 399 9.02 -12.18 -1.97
C LEU A 399 8.34 -12.30 -3.35
N ARG A 400 8.84 -11.55 -4.35
CA ARG A 400 8.35 -11.58 -5.74
C ARG A 400 9.45 -12.05 -6.66
N GLU A 401 9.19 -13.13 -7.42
CA GLU A 401 10.12 -13.68 -8.39
C GLU A 401 9.79 -13.01 -9.70
N LEU A 402 10.68 -12.14 -10.16
CA LEU A 402 10.49 -11.35 -11.39
C LEU A 402 11.46 -11.81 -12.44
N LYS A 403 11.02 -11.86 -13.70
CA LYS A 403 11.86 -12.24 -14.82
C LYS A 403 12.06 -11.01 -15.65
N LEU A 404 13.30 -10.51 -15.70
CA LEU A 404 13.64 -9.30 -16.42
C LEU A 404 14.43 -9.60 -17.69
N SER A 405 14.11 -8.90 -18.77
CA SER A 405 14.84 -9.04 -20.03
C SER A 405 14.66 -7.77 -20.87
N LYS A 406 15.47 -7.63 -21.92
CA LYS A 406 15.34 -6.53 -22.84
C LYS A 406 14.45 -7.02 -23.99
N VAL A 407 13.52 -6.14 -24.43
CA VAL A 407 12.60 -6.37 -25.52
C VAL A 407 13.45 -6.55 -26.81
N GLY A 408 13.15 -7.58 -27.57
CA GLY A 408 13.90 -7.92 -28.78
C GLY A 408 14.92 -9.02 -28.61
N GLN A 409 15.56 -9.12 -27.43
CA GLN A 409 16.59 -10.13 -27.16
C GLN A 409 16.19 -11.19 -26.12
N GLY A 410 15.92 -12.39 -26.60
CA GLY A 410 15.52 -13.52 -25.75
C GLY A 410 16.53 -13.99 -24.71
N ASN A 411 17.81 -14.08 -25.12
CA ASN A 411 18.90 -14.57 -24.28
C ASN A 411 19.39 -13.62 -23.15
N THR A 412 18.78 -12.45 -22.99
CA THR A 412 19.13 -11.45 -21.97
C THR A 412 18.39 -11.67 -20.63
N GLU A 413 17.52 -12.69 -20.56
CA GLU A 413 16.65 -12.96 -19.42
C GLU A 413 17.34 -13.41 -18.12
N ARG A 414 16.95 -12.79 -16.99
CA ARG A 414 17.45 -13.17 -15.65
C ARG A 414 16.36 -12.95 -14.61
N THR A 415 16.41 -13.76 -13.58
CA THR A 415 15.50 -13.67 -12.44
C THR A 415 15.99 -12.60 -11.48
N VAL A 416 15.09 -11.69 -11.12
CA VAL A 416 15.29 -10.64 -10.14
C VAL A 416 14.38 -10.95 -8.96
N TRP A 417 14.97 -11.15 -7.78
CA TRP A 417 14.22 -11.48 -6.56
C TRP A 417 13.98 -10.18 -5.80
N GLN A 418 12.70 -9.85 -5.62
CA GLN A 418 12.28 -8.65 -4.93
C GLN A 418 11.79 -8.98 -3.53
N TYR A 419 12.51 -8.50 -2.52
CA TYR A 419 12.17 -8.69 -1.11
C TYR A 419 11.58 -7.39 -0.60
N HIS A 420 10.30 -7.44 -0.27
CA HIS A 420 9.54 -6.30 0.17
C HIS A 420 9.19 -6.40 1.64
N PHE A 421 9.93 -5.70 2.50
CA PHE A 421 9.67 -5.65 3.93
C PHE A 421 8.43 -4.77 4.13
N ARG A 422 7.39 -5.32 4.78
CA ARG A 422 6.11 -4.61 4.94
C ARG A 422 5.72 -4.17 6.36
N THR A 423 6.50 -4.51 7.39
CA THR A 423 6.08 -4.24 8.76
C THR A 423 6.81 -3.10 9.47
N TRP A 424 7.76 -2.40 8.80
CA TRP A 424 8.48 -1.29 9.42
C TRP A 424 7.50 -0.20 9.87
N PRO A 425 7.54 0.28 11.14
CA PRO A 425 6.56 1.29 11.58
C PRO A 425 6.59 2.58 10.78
N ASP A 426 5.47 3.30 10.68
CA ASP A 426 5.40 4.57 9.92
C ASP A 426 6.42 5.58 10.46
N HIS A 427 6.54 5.70 11.80
CA HIS A 427 7.57 6.52 12.45
C HIS A 427 8.43 5.65 13.36
N GLY A 428 9.70 6.03 13.48
CA GLY A 428 10.64 5.30 14.33
C GLY A 428 11.13 4.01 13.73
N VAL A 429 11.56 3.10 14.60
CA VAL A 429 12.16 1.81 14.23
C VAL A 429 11.39 0.65 14.87
N PRO A 430 11.51 -0.64 14.42
CA PRO A 430 10.83 -1.74 15.13
C PRO A 430 11.32 -1.85 16.57
N SER A 431 10.45 -2.33 17.49
CA SER A 431 10.82 -2.49 18.91
C SER A 431 11.80 -3.67 19.15
N ASP A 432 11.87 -4.64 18.20
CA ASP A 432 12.74 -5.82 18.25
C ASP A 432 13.42 -6.00 16.87
N PRO A 433 14.75 -6.30 16.81
CA PRO A 433 15.41 -6.44 15.50
C PRO A 433 15.32 -7.82 14.82
N GLY A 434 14.70 -8.79 15.51
CA GLY A 434 14.53 -10.17 15.04
C GLY A 434 13.99 -10.31 13.63
N GLY A 435 12.92 -9.57 13.34
CA GLY A 435 12.24 -9.57 12.04
C GLY A 435 13.12 -9.11 10.88
N VAL A 436 13.84 -7.99 11.09
CA VAL A 436 14.76 -7.37 10.15
C VAL A 436 15.96 -8.31 9.92
N LEU A 437 16.48 -8.93 11.00
CA LEU A 437 17.63 -9.84 10.91
C LEU A 437 17.35 -11.09 10.08
N ASP A 438 16.19 -11.74 10.28
CA ASP A 438 15.75 -12.93 9.52
C ASP A 438 15.61 -12.56 8.02
N PHE A 439 15.09 -11.33 7.75
CA PHE A 439 14.95 -10.74 6.42
C PHE A 439 16.33 -10.55 5.78
N LEU A 440 17.27 -9.90 6.51
CA LEU A 440 18.61 -9.68 5.97
C LEU A 440 19.38 -11.02 5.75
N GLU A 441 19.09 -12.06 6.57
CA GLU A 441 19.70 -13.39 6.42
C GLU A 441 19.24 -14.02 5.09
N GLU A 442 17.92 -13.97 4.81
CA GLU A 442 17.34 -14.48 3.57
C GLU A 442 17.85 -13.80 2.31
N VAL A 443 17.97 -12.45 2.34
CA VAL A 443 18.44 -11.61 1.23
C VAL A 443 19.91 -11.96 0.95
N HIS A 444 20.68 -12.12 2.03
CA HIS A 444 22.08 -12.47 1.93
C HIS A 444 22.29 -13.85 1.28
N HIS A 445 21.51 -14.87 1.70
CA HIS A 445 21.62 -16.22 1.13
C HIS A 445 21.23 -16.29 -0.33
N LYS A 446 20.23 -15.47 -0.76
CA LYS A 446 19.82 -15.38 -2.16
C LYS A 446 20.93 -14.79 -3.00
N GLN A 447 21.49 -13.64 -2.59
CA GLN A 447 22.59 -12.96 -3.26
C GLN A 447 23.81 -13.89 -3.42
N GLU A 448 24.19 -14.54 -2.32
CA GLU A 448 25.30 -15.48 -2.27
C GLU A 448 25.16 -16.73 -3.21
N SER A 449 23.92 -17.22 -3.44
CA SER A 449 23.64 -18.37 -4.32
C SER A 449 23.70 -18.05 -5.83
N ILE A 450 23.72 -16.76 -6.18
CA ILE A 450 23.68 -16.31 -7.58
C ILE A 450 25.07 -15.94 -8.10
N MET A 451 25.53 -16.69 -9.11
CA MET A 451 26.84 -16.47 -9.71
C MET A 451 26.88 -15.16 -10.48
N ASP A 452 27.90 -14.34 -10.16
CA ASP A 452 28.20 -13.03 -10.76
C ASP A 452 27.06 -11.99 -10.61
N ALA A 453 26.26 -12.09 -9.53
CA ALA A 453 25.15 -11.17 -9.22
C ALA A 453 25.70 -9.76 -9.04
N GLY A 454 25.02 -8.76 -9.58
CA GLY A 454 25.44 -7.38 -9.44
C GLY A 454 25.10 -6.82 -8.07
N PRO A 455 25.25 -5.51 -7.83
CA PRO A 455 24.92 -4.97 -6.49
C PRO A 455 23.47 -5.21 -6.08
N VAL A 456 23.18 -5.28 -4.77
CA VAL A 456 21.82 -5.45 -4.25
C VAL A 456 21.14 -4.07 -4.35
N VAL A 457 19.93 -3.96 -4.94
CA VAL A 457 19.26 -2.65 -5.00
C VAL A 457 18.48 -2.50 -3.67
N VAL A 458 18.68 -1.40 -2.96
CA VAL A 458 17.98 -1.14 -1.69
C VAL A 458 17.28 0.23 -1.85
N HIS A 459 15.96 0.28 -1.60
CA HIS A 459 15.19 1.51 -1.69
C HIS A 459 14.07 1.59 -0.67
N CYS A 460 13.75 2.82 -0.27
CA CYS A 460 12.63 3.18 0.59
C CYS A 460 11.91 4.38 -0.11
N SER A 461 11.79 5.56 0.49
CA SER A 461 11.13 6.72 -0.13
C SER A 461 12.20 7.64 -0.71
N ALA A 462 13.04 8.24 0.16
CA ALA A 462 14.13 9.12 -0.24
C ALA A 462 15.41 8.32 -0.48
N GLY A 463 15.41 7.07 0.01
CA GLY A 463 16.54 6.15 -0.14
C GLY A 463 17.76 6.52 0.66
N ILE A 464 17.56 7.03 1.91
CA ILE A 464 18.67 7.47 2.79
C ILE A 464 18.51 6.98 4.24
N GLY A 465 17.28 6.95 4.77
CA GLY A 465 16.98 6.58 6.17
C GLY A 465 16.89 5.11 6.46
N ARG A 466 15.76 4.46 6.12
CA ARG A 466 15.58 3.01 6.26
C ARG A 466 16.58 2.27 5.38
N THR A 467 16.88 2.80 4.19
CA THR A 467 17.83 2.24 3.22
C THR A 467 19.21 2.19 3.83
N GLY A 468 19.63 3.33 4.40
CA GLY A 468 20.90 3.48 5.09
C GLY A 468 21.03 2.55 6.27
N THR A 469 19.96 2.38 7.02
CA THR A 469 19.89 1.49 8.18
C THR A 469 20.00 0.02 7.77
N PHE A 470 19.32 -0.39 6.68
CA PHE A 470 19.43 -1.79 6.21
C PHE A 470 20.84 -2.11 5.70
N ILE A 471 21.43 -1.20 4.91
CA ILE A 471 22.79 -1.34 4.33
C ILE A 471 23.85 -1.41 5.43
N VAL A 472 23.78 -0.52 6.45
CA VAL A 472 24.79 -0.51 7.51
C VAL A 472 24.74 -1.83 8.31
N ILE A 473 23.56 -2.31 8.75
CA ILE A 473 23.35 -3.57 9.46
C ILE A 473 23.94 -4.68 8.61
N ASP A 474 23.60 -4.70 7.31
CA ASP A 474 24.12 -5.76 6.44
C ASP A 474 25.67 -5.74 6.28
N ILE A 475 26.31 -4.54 6.23
CA ILE A 475 27.80 -4.42 6.18
C ILE A 475 28.45 -5.03 7.45
N LEU A 476 27.91 -4.66 8.61
CA LEU A 476 28.34 -5.06 9.93
C LEU A 476 28.23 -6.56 10.17
N ILE A 477 27.09 -7.13 9.76
CA ILE A 477 26.82 -8.57 9.86
C ILE A 477 27.74 -9.35 8.94
N ASP A 478 28.03 -8.80 7.74
CA ASP A 478 28.95 -9.48 6.80
C ASP A 478 30.37 -9.58 7.36
N ILE A 479 30.81 -8.58 8.14
CA ILE A 479 32.12 -8.58 8.80
C ILE A 479 32.18 -9.77 9.81
N ILE A 480 31.09 -9.96 10.60
CA ILE A 480 30.98 -11.02 11.61
C ILE A 480 30.93 -12.41 10.94
N ARG A 481 30.28 -12.52 9.74
CA ARG A 481 30.19 -13.73 8.92
C ARG A 481 31.56 -14.17 8.43
N GLU A 482 32.33 -13.24 7.83
CA GLU A 482 33.63 -13.46 7.25
C GLU A 482 34.76 -13.66 8.29
N LYS A 483 34.78 -12.84 9.35
CA LYS A 483 35.85 -12.82 10.36
C LYS A 483 35.51 -13.46 11.72
N GLY A 484 34.28 -13.95 11.92
CA GLY A 484 33.87 -14.57 13.18
C GLY A 484 33.58 -13.57 14.29
N VAL A 485 32.94 -14.02 15.40
CA VAL A 485 32.59 -13.14 16.53
C VAL A 485 33.85 -12.41 17.11
N ASP A 486 35.04 -13.00 16.96
CA ASP A 486 36.30 -12.41 17.40
C ASP A 486 36.83 -11.52 16.27
N CYS A 487 36.22 -10.34 16.11
CA CYS A 487 36.54 -9.36 15.09
C CYS A 487 36.27 -7.94 15.59
N ASP A 488 36.87 -6.94 14.94
CA ASP A 488 36.72 -5.53 15.29
C ASP A 488 35.67 -4.83 14.43
N ILE A 489 34.67 -4.21 15.10
CA ILE A 489 33.61 -3.42 14.46
C ILE A 489 33.62 -2.00 15.04
N ASP A 490 33.34 -1.01 14.17
CA ASP A 490 33.32 0.42 14.47
C ASP A 490 32.08 0.98 13.74
N VAL A 491 30.96 1.11 14.50
CA VAL A 491 29.68 1.54 13.97
C VAL A 491 29.74 2.94 13.32
N PRO A 492 30.18 4.02 14.02
CA PRO A 492 30.21 5.34 13.35
C PRO A 492 31.20 5.44 12.20
N LYS A 493 32.26 4.60 12.18
CA LYS A 493 33.20 4.62 11.05
C LYS A 493 32.49 4.07 9.82
N THR A 494 31.67 3.03 10.02
CA THR A 494 30.94 2.33 8.98
C THR A 494 29.88 3.27 8.40
N ILE A 495 29.21 4.02 9.24
CA ILE A 495 28.21 5.00 8.82
C ILE A 495 28.88 6.18 8.08
N GLN A 496 30.01 6.71 8.59
CA GLN A 496 30.72 7.80 7.92
C GLN A 496 31.12 7.43 6.48
N MET A 497 31.58 6.19 6.28
CA MET A 497 32.01 5.63 4.99
C MET A 497 30.84 5.49 3.98
N VAL A 498 29.66 5.11 4.47
CA VAL A 498 28.45 4.91 3.66
C VAL A 498 27.87 6.28 3.24
N ARG A 499 27.95 7.28 4.17
CA ARG A 499 27.56 8.68 4.05
C ARG A 499 28.45 9.50 3.09
N SER A 500 29.66 9.03 2.81
CA SER A 500 30.54 9.69 1.85
CA SER A 500 30.59 9.61 1.83
C SER A 500 30.10 9.24 0.43
N GLN A 501 29.27 8.21 0.35
CA GLN A 501 28.77 7.68 -0.94
C GLN A 501 27.32 8.07 -1.28
N ARG A 502 26.52 8.45 -0.28
CA ARG A 502 25.14 8.96 -0.49
C ARG A 502 24.80 9.85 0.69
N SER A 503 24.23 11.05 0.46
CA SER A 503 23.89 12.00 1.53
C SER A 503 22.91 11.47 2.57
N GLY A 504 23.24 11.69 3.84
CA GLY A 504 22.41 11.36 5.01
C GLY A 504 22.03 9.91 5.26
N MET A 505 22.82 8.94 4.81
CA MET A 505 22.61 7.51 5.08
C MET A 505 22.60 7.30 6.62
N VAL A 506 21.45 6.82 7.16
CA VAL A 506 21.10 6.63 8.61
C VAL A 506 20.68 8.03 9.10
N GLN A 507 19.40 8.21 9.31
CA GLN A 507 18.84 9.52 9.62
C GLN A 507 18.75 9.87 11.09
N THR A 508 18.35 8.94 11.92
CA THR A 508 18.08 9.30 13.33
C THR A 508 18.89 8.53 14.33
N GLU A 509 18.86 9.01 15.57
CA GLU A 509 19.47 8.39 16.73
C GLU A 509 18.77 7.05 17.03
N ALA A 510 17.43 6.98 16.76
CA ALA A 510 16.64 5.76 16.91
C ALA A 510 17.17 4.66 15.94
N GLN A 511 17.58 5.04 14.72
CA GLN A 511 18.14 4.11 13.74
C GLN A 511 19.54 3.67 14.16
N TYR A 512 20.32 4.64 14.68
CA TYR A 512 21.68 4.42 15.15
C TYR A 512 21.66 3.39 16.29
N ARG A 513 20.70 3.54 17.21
CA ARG A 513 20.47 2.64 18.33
C ARG A 513 20.01 1.27 17.82
N PHE A 514 19.15 1.25 16.77
CA PHE A 514 18.64 0.03 16.16
C PHE A 514 19.77 -0.81 15.56
N ILE A 515 20.77 -0.14 14.93
CA ILE A 515 21.92 -0.80 14.34
C ILE A 515 22.68 -1.58 15.45
N TYR A 516 22.90 -0.96 16.62
CA TYR A 516 23.58 -1.62 17.77
C TYR A 516 22.82 -2.83 18.26
N MET A 517 21.47 -2.66 18.40
CA MET A 517 20.54 -3.70 18.87
CA MET A 517 20.50 -3.67 18.85
C MET A 517 20.48 -4.86 17.88
N ALA A 518 20.57 -4.58 16.56
CA ALA A 518 20.53 -5.63 15.53
C ALA A 518 21.81 -6.45 15.52
N VAL A 519 22.98 -5.78 15.62
CA VAL A 519 24.30 -6.43 15.67
C VAL A 519 24.38 -7.29 16.95
N GLN A 520 23.91 -6.75 18.09
CA GLN A 520 23.87 -7.45 19.37
C GLN A 520 23.08 -8.77 19.26
N HIS A 521 21.83 -8.70 18.76
CA HIS A 521 20.93 -9.83 18.55
C HIS A 521 21.55 -10.90 17.60
N TYR A 522 22.23 -10.46 16.52
CA TYR A 522 22.90 -11.39 15.59
C TYR A 522 23.97 -12.23 16.29
N ILE A 523 24.79 -11.57 17.14
CA ILE A 523 25.89 -12.14 17.91
C ILE A 523 25.37 -13.06 19.04
N GLU A 524 24.28 -12.65 19.72
CA GLU A 524 23.65 -13.40 20.82
C GLU A 524 23.06 -14.74 20.37
N THR A 525 22.49 -14.78 19.15
CA THR A 525 21.88 -15.98 18.56
C THR A 525 22.91 -16.81 17.75
N LEU A 526 24.17 -16.37 17.72
CA LEU A 526 25.28 -17.03 17.01
C LEU A 526 25.77 -18.26 17.79
N ARG B 5 -34.20 -18.95 -16.17
CA ARG B 5 -32.91 -18.61 -16.78
C ARG B 5 -32.21 -19.87 -17.37
N ARG B 6 -33.00 -20.87 -17.81
CA ARG B 6 -32.44 -22.14 -18.36
C ARG B 6 -31.63 -21.95 -19.67
N TRP B 7 -31.77 -20.80 -20.33
CA TRP B 7 -31.10 -20.49 -21.61
C TRP B 7 -29.59 -20.25 -21.41
N PHE B 8 -29.13 -20.13 -20.15
CA PHE B 8 -27.71 -19.92 -19.86
C PHE B 8 -27.06 -21.27 -19.62
N HIS B 9 -26.03 -21.59 -20.42
CA HIS B 9 -25.34 -22.87 -20.31
C HIS B 9 -23.95 -22.60 -19.75
N PRO B 10 -23.69 -22.90 -18.46
CA PRO B 10 -22.39 -22.55 -17.86
C PRO B 10 -21.14 -23.27 -18.34
N ASN B 11 -21.28 -24.48 -18.90
CA ASN B 11 -20.12 -25.30 -19.27
C ASN B 11 -19.96 -25.61 -20.76
N ILE B 12 -20.84 -25.09 -21.62
CA ILE B 12 -20.80 -25.33 -23.06
C ILE B 12 -19.74 -24.46 -23.80
N THR B 13 -19.17 -25.02 -24.89
CA THR B 13 -18.19 -24.35 -25.76
C THR B 13 -18.96 -23.83 -26.99
N GLY B 14 -18.29 -23.03 -27.80
CA GLY B 14 -18.85 -22.48 -29.04
C GLY B 14 -19.29 -23.53 -30.03
N VAL B 15 -18.43 -24.56 -30.22
CA VAL B 15 -18.71 -25.68 -31.11
C VAL B 15 -19.92 -26.49 -30.57
N GLU B 16 -19.93 -26.79 -29.26
CA GLU B 16 -21.05 -27.53 -28.64
C GLU B 16 -22.37 -26.75 -28.69
N ALA B 17 -22.32 -25.42 -28.53
CA ALA B 17 -23.50 -24.54 -28.61
C ALA B 17 -24.06 -24.57 -30.02
N GLU B 18 -23.18 -24.56 -31.05
CA GLU B 18 -23.52 -24.62 -32.46
C GLU B 18 -24.34 -25.90 -32.78
N ASN B 19 -23.78 -27.07 -32.41
CA ASN B 19 -24.36 -28.38 -32.64
C ASN B 19 -25.67 -28.57 -31.89
N LEU B 20 -25.76 -28.02 -30.66
CA LEU B 20 -26.95 -28.11 -29.84
C LEU B 20 -28.09 -27.32 -30.47
N LEU B 21 -27.79 -26.09 -30.97
CA LEU B 21 -28.76 -25.21 -31.64
C LEU B 21 -29.19 -25.75 -33.00
N LEU B 22 -28.32 -26.53 -33.68
CA LEU B 22 -28.62 -27.09 -35.01
C LEU B 22 -29.38 -28.40 -34.94
N THR B 23 -29.17 -29.22 -33.90
CA THR B 23 -29.85 -30.51 -33.75
C THR B 23 -31.10 -30.48 -32.88
N ARG B 24 -31.09 -29.67 -31.80
CA ARG B 24 -32.21 -29.60 -30.83
C ARG B 24 -33.01 -28.29 -30.87
N GLY B 25 -32.60 -27.37 -31.75
CA GLY B 25 -33.25 -26.07 -31.90
C GLY B 25 -33.80 -25.79 -33.27
N VAL B 26 -34.42 -24.62 -33.41
CA VAL B 26 -35.03 -24.13 -34.64
C VAL B 26 -34.62 -22.68 -34.91
N ASP B 27 -35.03 -22.09 -36.05
CA ASP B 27 -34.74 -20.70 -36.33
C ASP B 27 -35.42 -19.85 -35.26
N GLY B 28 -34.62 -19.07 -34.54
CA GLY B 28 -35.11 -18.25 -33.45
C GLY B 28 -34.65 -18.78 -32.10
N SER B 29 -34.16 -20.05 -32.09
CA SER B 29 -33.61 -20.69 -30.90
C SER B 29 -32.33 -19.98 -30.48
N PHE B 30 -32.18 -19.77 -29.17
CA PHE B 30 -31.02 -19.06 -28.66
C PHE B 30 -30.59 -19.57 -27.31
N LEU B 31 -29.32 -19.33 -26.98
CA LEU B 31 -28.71 -19.62 -25.70
C LEU B 31 -27.59 -18.61 -25.37
N ALA B 32 -27.22 -18.53 -24.08
CA ALA B 32 -26.14 -17.67 -23.59
C ALA B 32 -25.13 -18.57 -22.91
N ARG B 33 -23.87 -18.22 -22.93
CA ARG B 33 -22.81 -19.06 -22.34
C ARG B 33 -21.57 -18.22 -22.02
N PRO B 34 -20.61 -18.69 -21.17
CA PRO B 34 -19.37 -17.92 -20.97
C PRO B 34 -18.53 -17.95 -22.24
N SER B 35 -17.75 -16.91 -22.50
CA SER B 35 -16.85 -16.84 -23.66
C SER B 35 -15.59 -17.66 -23.33
N LYS B 36 -15.22 -18.61 -24.22
CA LYS B 36 -14.05 -19.45 -24.00
C LYS B 36 -12.75 -18.75 -24.41
N SER B 37 -12.79 -17.95 -25.50
CA SER B 37 -11.62 -17.21 -25.96
C SER B 37 -11.29 -16.05 -25.01
N ASN B 38 -12.30 -15.26 -24.56
CA ASN B 38 -12.08 -14.17 -23.60
C ASN B 38 -12.76 -14.44 -22.24
N PRO B 39 -12.03 -15.03 -21.26
CA PRO B 39 -12.64 -15.30 -19.93
C PRO B 39 -13.08 -14.01 -19.22
N GLY B 40 -14.28 -14.05 -18.66
CA GLY B 40 -14.94 -12.91 -18.04
C GLY B 40 -16.09 -12.42 -18.91
N ASP B 41 -15.98 -12.63 -20.24
CA ASP B 41 -17.00 -12.25 -21.21
C ASP B 41 -18.02 -13.38 -21.45
N PHE B 42 -19.05 -13.08 -22.25
CA PHE B 42 -20.13 -14.01 -22.54
C PHE B 42 -20.47 -13.94 -24.00
N THR B 43 -21.22 -14.92 -24.46
CA THR B 43 -21.63 -14.98 -25.86
C THR B 43 -23.11 -15.35 -25.95
N LEU B 44 -23.82 -14.68 -26.84
CA LEU B 44 -25.20 -14.96 -27.15
C LEU B 44 -25.18 -15.77 -28.47
N SER B 45 -25.48 -17.09 -28.43
CA SER B 45 -25.49 -17.97 -29.62
C SER B 45 -26.91 -18.12 -30.17
N VAL B 46 -27.14 -17.59 -31.38
CA VAL B 46 -28.47 -17.51 -31.99
C VAL B 46 -28.58 -18.23 -33.34
N ARG B 47 -29.63 -19.07 -33.50
CA ARG B 47 -29.93 -19.77 -34.75
C ARG B 47 -30.87 -18.94 -35.64
N ARG B 48 -30.43 -18.71 -36.87
CA ARG B 48 -31.17 -17.99 -37.90
C ARG B 48 -30.72 -18.47 -39.27
N ASN B 49 -31.68 -18.63 -40.22
CA ASN B 49 -31.46 -19.15 -41.59
C ASN B 49 -30.64 -20.47 -41.61
N GLY B 50 -30.90 -21.34 -40.63
CA GLY B 50 -30.21 -22.62 -40.50
C GLY B 50 -28.74 -22.52 -40.14
N ALA B 51 -28.27 -21.31 -39.72
CA ALA B 51 -26.89 -21.05 -39.32
C ALA B 51 -26.83 -20.47 -37.89
N VAL B 52 -25.67 -20.55 -37.24
CA VAL B 52 -25.47 -20.08 -35.88
C VAL B 52 -24.50 -18.90 -35.86
N THR B 53 -24.95 -17.77 -35.28
CA THR B 53 -24.18 -16.54 -35.11
C THR B 53 -23.92 -16.31 -33.63
N HIS B 54 -22.66 -16.00 -33.32
CA HIS B 54 -22.21 -15.79 -31.96
C HIS B 54 -21.98 -14.30 -31.75
N ILE B 55 -22.77 -13.68 -30.84
CA ILE B 55 -22.70 -12.25 -30.53
C ILE B 55 -22.03 -12.07 -29.18
N LYS B 56 -20.90 -11.36 -29.16
CA LYS B 56 -20.14 -11.16 -27.94
C LYS B 56 -20.89 -10.23 -26.95
N ILE B 57 -20.81 -10.57 -25.65
CA ILE B 57 -21.31 -9.75 -24.54
C ILE B 57 -20.10 -9.50 -23.64
N GLN B 58 -19.66 -8.25 -23.56
CA GLN B 58 -18.52 -7.90 -22.69
C GLN B 58 -18.96 -7.36 -21.36
N ASN B 59 -18.20 -7.64 -20.29
CA ASN B 59 -18.43 -7.08 -18.98
C ASN B 59 -17.10 -6.88 -18.26
N THR B 60 -16.63 -5.65 -18.27
CA THR B 60 -15.36 -5.28 -17.63
C THR B 60 -15.56 -4.85 -16.14
N GLY B 61 -16.81 -4.89 -15.65
CA GLY B 61 -17.14 -4.58 -14.26
C GLY B 61 -18.19 -3.50 -14.05
N ASP B 62 -18.68 -2.88 -15.13
CA ASP B 62 -19.65 -1.78 -15.07
C ASP B 62 -21.05 -2.14 -15.52
N TYR B 63 -21.17 -2.97 -16.59
CA TYR B 63 -22.42 -3.38 -17.27
C TYR B 63 -22.17 -4.43 -18.36
N TYR B 64 -23.23 -5.06 -18.85
CA TYR B 64 -23.14 -6.05 -19.93
C TYR B 64 -23.27 -5.30 -21.25
N ASP B 65 -22.20 -5.25 -22.03
CA ASP B 65 -22.19 -4.56 -23.32
C ASP B 65 -22.29 -5.56 -24.47
N LEU B 66 -23.50 -5.68 -25.03
CA LEU B 66 -23.81 -6.55 -26.17
C LEU B 66 -23.37 -5.86 -27.48
N TYR B 67 -22.39 -6.47 -28.18
CA TYR B 67 -21.83 -5.95 -29.44
C TYR B 67 -22.93 -5.75 -30.49
N GLY B 68 -23.09 -4.50 -30.92
CA GLY B 68 -24.11 -4.09 -31.87
C GLY B 68 -25.49 -3.92 -31.28
N GLY B 69 -25.58 -4.00 -29.96
CA GLY B 69 -26.82 -3.85 -29.21
C GLY B 69 -26.72 -2.80 -28.13
N GLU B 70 -27.40 -3.02 -27.00
CA GLU B 70 -27.44 -2.07 -25.87
C GLU B 70 -26.63 -2.53 -24.65
N LYS B 71 -26.53 -1.65 -23.62
CA LYS B 71 -25.88 -1.94 -22.33
C LYS B 71 -26.93 -2.33 -21.29
N PHE B 72 -26.68 -3.40 -20.52
CA PHE B 72 -27.66 -3.97 -19.56
C PHE B 72 -27.09 -4.21 -18.18
N ALA B 73 -27.95 -4.18 -17.15
CA ALA B 73 -27.54 -4.45 -15.77
C ALA B 73 -27.32 -5.95 -15.48
N THR B 74 -28.06 -6.87 -16.12
CA THR B 74 -27.93 -8.34 -15.96
C THR B 74 -28.21 -9.03 -17.31
N LEU B 75 -27.81 -10.31 -17.48
CA LEU B 75 -28.11 -11.10 -18.70
C LEU B 75 -29.61 -11.41 -18.81
N ALA B 76 -30.30 -11.62 -17.67
CA ALA B 76 -31.73 -11.87 -17.64
C ALA B 76 -32.48 -10.63 -18.17
N GLU B 77 -32.06 -9.40 -17.79
CA GLU B 77 -32.69 -8.15 -18.31
C GLU B 77 -32.42 -7.98 -19.81
N LEU B 78 -31.22 -8.36 -20.29
CA LEU B 78 -30.85 -8.29 -21.71
C LEU B 78 -31.81 -9.16 -22.54
N VAL B 79 -31.91 -10.46 -22.18
CA VAL B 79 -32.75 -11.46 -22.83
C VAL B 79 -34.22 -11.03 -22.81
N GLN B 80 -34.75 -10.65 -21.61
CA GLN B 80 -36.13 -10.18 -21.47
C GLN B 80 -36.41 -8.98 -22.42
N TYR B 81 -35.43 -8.07 -22.55
CA TYR B 81 -35.56 -6.87 -23.40
C TYR B 81 -35.77 -7.26 -24.88
N TYR B 82 -34.89 -8.09 -25.42
CA TYR B 82 -34.97 -8.55 -26.81
C TYR B 82 -36.08 -9.57 -27.06
N MET B 83 -36.48 -10.34 -26.03
CA MET B 83 -37.58 -11.30 -26.19
C MET B 83 -38.94 -10.62 -26.27
N GLU B 84 -39.08 -9.40 -25.70
CA GLU B 84 -40.31 -8.60 -25.72
C GLU B 84 -40.38 -7.75 -27.00
N ILE B 97 -32.36 -10.11 -36.33
CA ILE B 97 -32.00 -11.23 -35.45
C ILE B 97 -33.03 -11.37 -34.31
N GLU B 98 -33.79 -12.48 -34.33
CA GLU B 98 -34.85 -12.73 -33.36
C GLU B 98 -34.48 -13.77 -32.29
N LEU B 99 -34.77 -13.44 -31.01
CA LEU B 99 -34.63 -14.35 -29.87
C LEU B 99 -36.07 -14.79 -29.62
N LYS B 100 -36.43 -15.97 -30.12
CA LYS B 100 -37.78 -16.51 -30.04
C LYS B 100 -37.86 -17.63 -29.03
N TYR B 101 -36.94 -18.62 -29.12
CA TYR B 101 -36.95 -19.81 -28.29
C TYR B 101 -35.70 -20.05 -27.44
N PRO B 102 -35.82 -19.96 -26.09
CA PRO B 102 -34.66 -20.29 -25.26
C PRO B 102 -34.36 -21.79 -25.35
N LEU B 103 -33.08 -22.13 -25.56
CA LEU B 103 -32.68 -23.51 -25.64
C LEU B 103 -32.20 -23.85 -24.24
N ASN B 104 -33.01 -24.63 -23.51
CA ASN B 104 -32.80 -24.98 -22.12
C ASN B 104 -31.68 -25.97 -21.84
N CYS B 105 -30.88 -25.61 -20.83
CA CYS B 105 -29.74 -26.33 -20.31
C CYS B 105 -30.22 -27.32 -19.27
N ALA B 106 -29.73 -28.58 -19.34
CA ALA B 106 -30.09 -29.67 -18.43
C ALA B 106 -29.05 -29.88 -17.30
N ASP B 107 -27.90 -29.18 -17.39
CA ASP B 107 -26.76 -29.27 -16.48
C ASP B 107 -27.11 -28.68 -15.08
N PRO B 108 -26.94 -29.47 -13.99
CA PRO B 108 -27.32 -28.96 -12.66
C PRO B 108 -26.26 -28.14 -11.91
N THR B 109 -25.08 -27.89 -12.51
CA THR B 109 -23.94 -27.21 -11.87
C THR B 109 -24.25 -25.86 -11.19
N SER B 110 -25.14 -25.02 -11.73
CA SER B 110 -25.44 -23.71 -11.12
C SER B 110 -26.65 -23.70 -10.18
N GLU B 111 -27.14 -24.88 -9.79
CA GLU B 111 -28.25 -25.03 -8.87
C GLU B 111 -27.77 -24.83 -7.42
N ARG B 112 -28.57 -24.14 -6.59
CA ARG B 112 -28.24 -23.91 -5.17
C ARG B 112 -28.20 -25.21 -4.36
N TRP B 113 -29.00 -26.22 -4.79
CA TRP B 113 -29.15 -27.53 -4.14
C TRP B 113 -28.21 -28.62 -4.66
N PHE B 114 -27.48 -28.36 -5.75
CA PHE B 114 -26.57 -29.32 -6.35
C PHE B 114 -25.13 -29.15 -5.85
N HIS B 115 -24.52 -30.25 -5.42
CA HIS B 115 -23.20 -30.26 -4.84
C HIS B 115 -22.18 -31.16 -5.52
N GLY B 116 -22.51 -31.67 -6.70
CA GLY B 116 -21.64 -32.52 -7.51
C GLY B 116 -20.97 -33.65 -6.77
N HIS B 117 -19.61 -33.60 -6.69
CA HIS B 117 -18.87 -34.61 -5.96
C HIS B 117 -18.84 -34.24 -4.48
N LEU B 118 -19.57 -35.03 -3.68
CA LEU B 118 -19.71 -34.88 -2.24
C LEU B 118 -20.07 -36.27 -1.72
N SER B 119 -19.31 -36.76 -0.73
CA SER B 119 -19.53 -38.09 -0.15
C SER B 119 -20.77 -38.09 0.74
N GLY B 120 -21.32 -39.28 0.98
CA GLY B 120 -22.50 -39.46 1.82
C GLY B 120 -22.32 -39.10 3.27
N LYS B 121 -21.09 -39.30 3.77
CA LYS B 121 -20.67 -39.00 5.15
C LYS B 121 -20.63 -37.48 5.34
N GLU B 122 -19.90 -36.76 4.42
CA GLU B 122 -19.76 -35.31 4.37
C GLU B 122 -21.12 -34.62 4.21
N ALA B 123 -22.00 -35.18 3.32
CA ALA B 123 -23.35 -34.68 3.05
C ALA B 123 -24.25 -34.79 4.27
N GLU B 124 -24.10 -35.89 5.05
CA GLU B 124 -24.88 -36.12 6.27
C GLU B 124 -24.41 -35.18 7.39
N LYS B 125 -23.09 -34.89 7.45
CA LYS B 125 -22.50 -33.96 8.42
C LYS B 125 -23.03 -32.55 8.16
N LEU B 126 -23.09 -32.13 6.88
CA LEU B 126 -23.60 -30.83 6.44
C LEU B 126 -25.09 -30.64 6.75
N LEU B 127 -25.93 -31.69 6.56
CA LEU B 127 -27.35 -31.61 6.92
C LEU B 127 -27.56 -31.68 8.43
N THR B 128 -26.59 -32.21 9.19
CA THR B 128 -26.68 -32.25 10.66
C THR B 128 -26.20 -30.90 11.27
N GLU B 129 -25.08 -30.38 10.77
CA GLU B 129 -24.47 -29.13 11.25
C GLU B 129 -25.21 -27.86 10.84
N LYS B 130 -25.52 -27.72 9.55
CA LYS B 130 -26.15 -26.54 8.97
C LYS B 130 -27.67 -26.65 8.70
N GLY B 131 -28.16 -27.86 8.46
CA GLY B 131 -29.56 -28.12 8.11
C GLY B 131 -30.65 -27.79 9.11
N LYS B 132 -31.87 -27.62 8.57
CA LYS B 132 -33.11 -27.40 9.31
C LYS B 132 -34.25 -28.16 8.59
N HIS B 133 -35.51 -28.01 9.03
CA HIS B 133 -36.61 -28.72 8.39
C HIS B 133 -36.80 -28.29 6.92
N GLY B 134 -36.69 -29.27 6.02
CA GLY B 134 -36.87 -29.05 4.60
C GLY B 134 -35.60 -28.78 3.82
N SER B 135 -34.44 -28.86 4.50
CA SER B 135 -33.14 -28.64 3.86
C SER B 135 -32.79 -29.83 3.03
N PHE B 136 -32.40 -29.58 1.79
CA PHE B 136 -32.04 -30.68 0.92
C PHE B 136 -30.80 -30.35 0.08
N LEU B 137 -30.19 -31.40 -0.44
CA LEU B 137 -29.07 -31.36 -1.36
C LEU B 137 -29.20 -32.54 -2.31
N VAL B 138 -28.61 -32.41 -3.49
CA VAL B 138 -28.49 -33.46 -4.48
C VAL B 138 -27.01 -33.55 -4.74
N ARG B 139 -26.45 -34.76 -4.70
CA ARG B 139 -25.02 -35.06 -4.91
C ARG B 139 -24.88 -36.28 -5.85
N GLU B 140 -23.68 -36.46 -6.43
CA GLU B 140 -23.40 -37.61 -7.30
C GLU B 140 -23.22 -38.84 -6.42
N SER B 141 -23.63 -40.02 -6.94
CA SER B 141 -23.50 -41.32 -6.29
C SER B 141 -22.35 -42.13 -6.89
N SER B 143 -20.69 -44.99 -5.30
CA SER B 143 -21.25 -46.34 -5.29
C SER B 143 -21.68 -46.72 -6.70
N HIS B 144 -22.63 -45.98 -7.27
CA HIS B 144 -23.13 -46.21 -8.63
C HIS B 144 -22.91 -44.94 -9.47
N PRO B 145 -21.75 -44.81 -10.16
CA PRO B 145 -21.49 -43.60 -10.96
C PRO B 145 -22.49 -43.38 -12.08
N GLY B 146 -22.88 -42.12 -12.28
CA GLY B 146 -23.90 -41.70 -13.23
C GLY B 146 -25.19 -41.36 -12.51
N ASP B 147 -25.40 -42.04 -11.36
CA ASP B 147 -26.53 -41.89 -10.44
C ASP B 147 -26.29 -40.76 -9.41
N PHE B 148 -27.37 -40.36 -8.70
CA PHE B 148 -27.37 -39.28 -7.74
C PHE B 148 -28.08 -39.66 -6.47
N VAL B 149 -27.89 -38.86 -5.42
CA VAL B 149 -28.53 -39.02 -4.12
C VAL B 149 -29.09 -37.66 -3.70
N LEU B 150 -30.40 -37.62 -3.43
CA LEU B 150 -31.14 -36.49 -2.92
C LEU B 150 -31.29 -36.79 -1.42
N SER B 151 -30.77 -35.91 -0.58
CA SER B 151 -30.78 -36.05 0.88
C SER B 151 -31.57 -34.91 1.47
N VAL B 152 -32.59 -35.22 2.29
CA VAL B 152 -33.49 -34.24 2.91
C VAL B 152 -33.53 -34.42 4.44
N ARG B 153 -33.69 -33.31 5.16
CA ARG B 153 -33.88 -33.26 6.60
C ARG B 153 -35.34 -32.87 6.86
N THR B 154 -36.02 -33.60 7.79
CA THR B 154 -37.43 -33.37 8.15
C THR B 154 -37.62 -33.17 9.65
N SER B 166 -35.73 -34.93 14.66
CA SER B 166 -35.29 -34.71 13.27
C SER B 166 -34.52 -35.89 12.73
N LYS B 167 -34.57 -36.09 11.40
CA LYS B 167 -33.88 -37.17 10.68
C LYS B 167 -33.48 -36.79 9.25
N VAL B 168 -32.45 -37.46 8.70
CA VAL B 168 -31.98 -37.29 7.34
C VAL B 168 -32.42 -38.52 6.53
N THR B 169 -33.20 -38.29 5.45
CA THR B 169 -33.67 -39.31 4.51
C THR B 169 -32.90 -39.18 3.19
N HIS B 170 -32.48 -40.33 2.63
CA HIS B 170 -31.78 -40.39 1.36
C HIS B 170 -32.69 -41.02 0.31
N VAL B 171 -32.61 -40.51 -0.95
CA VAL B 171 -33.40 -40.97 -2.09
C VAL B 171 -32.44 -41.17 -3.27
N MET B 172 -32.36 -42.40 -3.76
CA MET B 172 -31.51 -42.73 -4.91
C MET B 172 -32.16 -42.24 -6.18
N ILE B 173 -31.40 -41.52 -6.99
CA ILE B 173 -31.86 -41.00 -8.27
C ILE B 173 -31.09 -41.77 -9.31
N ARG B 174 -31.80 -42.58 -10.08
CA ARG B 174 -31.11 -43.36 -11.10
C ARG B 174 -31.22 -42.75 -12.48
N CYS B 175 -30.12 -42.82 -13.22
CA CYS B 175 -30.04 -42.34 -14.58
C CYS B 175 -30.13 -43.55 -15.50
N GLN B 176 -31.28 -43.70 -16.17
CA GLN B 176 -31.55 -44.80 -17.09
C GLN B 176 -31.84 -44.20 -18.44
N GLU B 177 -31.02 -44.54 -19.46
CA GLU B 177 -31.17 -44.08 -20.85
C GLU B 177 -31.36 -42.55 -20.96
N LEU B 178 -30.41 -41.78 -20.37
CA LEU B 178 -30.38 -40.31 -20.33
C LEU B 178 -31.53 -39.65 -19.54
N LYS B 179 -32.33 -40.45 -18.79
CA LYS B 179 -33.45 -39.95 -18.00
C LYS B 179 -33.25 -40.23 -16.51
N TYR B 180 -33.88 -39.39 -15.64
CA TYR B 180 -33.78 -39.42 -14.17
C TYR B 180 -35.08 -39.78 -13.49
N ASP B 181 -35.03 -40.69 -12.51
CA ASP B 181 -36.21 -41.14 -11.74
C ASP B 181 -35.86 -41.53 -10.29
N VAL B 182 -36.87 -41.58 -9.41
CA VAL B 182 -36.69 -41.94 -8.00
C VAL B 182 -37.09 -43.43 -7.72
N GLY B 183 -36.93 -44.30 -8.71
CA GLY B 183 -37.27 -45.71 -8.61
C GLY B 183 -38.60 -46.08 -9.23
N GLY B 184 -39.50 -45.10 -9.32
CA GLY B 184 -40.84 -45.27 -9.87
C GLY B 184 -41.46 -43.95 -10.26
N GLY B 185 -42.56 -44.02 -11.00
CA GLY B 185 -43.31 -42.88 -11.50
C GLY B 185 -42.72 -42.27 -12.75
N GLU B 186 -42.70 -40.93 -12.81
CA GLU B 186 -42.21 -40.16 -13.94
C GLU B 186 -40.69 -40.19 -14.11
N ARG B 187 -40.24 -40.02 -15.36
CA ARG B 187 -38.84 -39.99 -15.76
C ARG B 187 -38.58 -38.58 -16.30
N PHE B 188 -37.49 -37.97 -15.84
CA PHE B 188 -37.15 -36.59 -16.15
C PHE B 188 -35.92 -36.43 -17.05
N ASP B 189 -35.89 -35.32 -17.81
CA ASP B 189 -34.80 -34.97 -18.75
C ASP B 189 -33.56 -34.49 -18.06
N SER B 190 -33.74 -33.89 -16.87
CA SER B 190 -32.69 -33.29 -16.06
C SER B 190 -33.07 -33.42 -14.59
N LEU B 191 -32.09 -33.26 -13.70
CA LEU B 191 -32.27 -33.28 -12.24
C LEU B 191 -33.13 -32.12 -11.80
N THR B 192 -33.01 -30.95 -12.49
CA THR B 192 -33.78 -29.73 -12.24
C THR B 192 -35.28 -30.06 -12.31
N ASP B 193 -35.71 -30.70 -13.43
CA ASP B 193 -37.10 -31.09 -13.68
C ASP B 193 -37.63 -32.05 -12.59
N LEU B 194 -36.79 -33.03 -12.19
CA LEU B 194 -37.10 -33.99 -11.12
C LEU B 194 -37.24 -33.25 -9.78
N VAL B 195 -36.29 -32.32 -9.45
CA VAL B 195 -36.34 -31.53 -8.20
C VAL B 195 -37.62 -30.67 -8.18
N GLU B 196 -37.91 -30.00 -9.31
CA GLU B 196 -39.09 -29.14 -9.51
C GLU B 196 -40.39 -29.89 -9.33
N HIS B 197 -40.50 -31.11 -9.85
CA HIS B 197 -41.67 -31.98 -9.69
C HIS B 197 -41.90 -32.35 -8.22
N TYR B 198 -40.83 -32.79 -7.51
CA TYR B 198 -40.94 -33.23 -6.12
C TYR B 198 -40.96 -32.06 -5.11
N LYS B 199 -40.73 -30.82 -5.58
CA LYS B 199 -40.87 -29.62 -4.75
C LYS B 199 -42.36 -29.30 -4.72
N LYS B 200 -43.05 -29.48 -5.85
CA LYS B 200 -44.48 -29.21 -6.04
C LYS B 200 -45.38 -30.37 -5.59
N ASN B 201 -45.00 -31.63 -5.93
CA ASN B 201 -45.71 -32.87 -5.59
C ASN B 201 -44.75 -33.69 -4.73
N PRO B 202 -44.68 -33.42 -3.39
CA PRO B 202 -43.66 -34.09 -2.56
C PRO B 202 -43.88 -35.55 -2.26
N MET B 203 -42.77 -36.32 -2.23
CA MET B 203 -42.72 -37.74 -1.89
C MET B 203 -43.23 -37.94 -0.45
N VAL B 204 -44.06 -38.99 -0.23
CA VAL B 204 -44.61 -39.29 1.10
C VAL B 204 -44.34 -40.76 1.42
N GLU B 205 -43.77 -40.99 2.62
CA GLU B 205 -43.50 -42.34 3.13
C GLU B 205 -44.86 -42.91 3.57
N THR B 206 -45.05 -44.25 3.44
CA THR B 206 -46.29 -44.96 3.79
C THR B 206 -46.67 -44.74 5.27
N LEU B 207 -45.67 -44.46 6.13
CA LEU B 207 -45.84 -44.17 7.56
C LEU B 207 -46.13 -42.66 7.84
N GLY B 208 -46.36 -41.89 6.76
CA GLY B 208 -46.79 -40.50 6.82
C GLY B 208 -45.83 -39.34 6.57
N THR B 209 -44.49 -39.54 6.69
CA THR B 209 -43.53 -38.43 6.52
C THR B 209 -43.50 -37.90 5.08
N VAL B 210 -43.76 -36.60 4.94
CA VAL B 210 -43.74 -35.87 3.67
C VAL B 210 -42.29 -35.37 3.50
N LEU B 211 -41.64 -35.75 2.39
CA LEU B 211 -40.26 -35.32 2.13
C LEU B 211 -40.29 -33.97 1.40
N GLN B 212 -40.61 -32.91 2.15
CA GLN B 212 -40.72 -31.54 1.65
C GLN B 212 -39.37 -30.90 1.37
N LEU B 213 -39.21 -30.42 0.14
CA LEU B 213 -37.99 -29.79 -0.36
C LEU B 213 -38.16 -28.28 -0.25
N LYS B 214 -38.13 -27.77 0.99
CA LYS B 214 -38.37 -26.37 1.34
C LYS B 214 -37.30 -25.43 0.84
N GLN B 215 -36.04 -25.70 1.17
CA GLN B 215 -34.93 -24.85 0.80
C GLN B 215 -33.64 -25.63 0.56
N PRO B 216 -32.76 -25.18 -0.37
CA PRO B 216 -31.46 -25.84 -0.51
C PRO B 216 -30.67 -25.65 0.78
N LEU B 217 -29.79 -26.60 1.11
CA LEU B 217 -28.95 -26.51 2.30
C LEU B 217 -27.97 -25.31 2.21
N ASN B 218 -27.95 -24.48 3.28
CA ASN B 218 -27.11 -23.29 3.44
C ASN B 218 -25.62 -23.61 3.71
N THR B 219 -24.83 -23.75 2.64
CA THR B 219 -23.40 -24.04 2.75
C THR B 219 -22.49 -22.80 2.57
N THR B 220 -23.06 -21.64 2.18
CA THR B 220 -22.27 -20.42 1.96
C THR B 220 -22.13 -19.60 3.27
N ARG B 221 -23.02 -19.80 4.25
CA ARG B 221 -22.89 -19.11 5.52
C ARG B 221 -21.68 -19.65 6.27
N ILE B 222 -20.75 -18.77 6.62
CA ILE B 222 -19.51 -19.12 7.35
C ILE B 222 -19.32 -18.21 8.54
N ASN B 223 -18.57 -18.69 9.53
CA ASN B 223 -18.19 -17.88 10.68
C ASN B 223 -17.05 -16.97 10.20
N ALA B 224 -17.07 -15.69 10.60
CA ALA B 224 -16.07 -14.69 10.16
C ALA B 224 -14.62 -15.14 10.40
N ALA B 225 -14.38 -15.84 11.51
CA ALA B 225 -13.07 -16.39 11.89
C ALA B 225 -12.51 -17.40 10.89
N GLU B 226 -13.40 -18.19 10.22
CA GLU B 226 -13.03 -19.26 9.27
C GLU B 226 -13.00 -18.81 7.78
N ILE B 227 -12.89 -17.48 7.51
CA ILE B 227 -12.83 -16.88 6.15
C ILE B 227 -11.61 -17.36 5.32
N GLU B 228 -10.39 -17.41 5.93
CA GLU B 228 -9.14 -17.84 5.25
C GLU B 228 -9.29 -19.23 4.70
N SER B 229 -9.86 -20.15 5.53
CA SER B 229 -10.15 -21.56 5.22
C SER B 229 -11.12 -21.67 4.02
N ARG B 230 -12.19 -20.85 4.02
CA ARG B 230 -13.18 -20.78 2.93
C ARG B 230 -12.56 -20.19 1.65
N VAL B 231 -11.79 -19.07 1.75
CA VAL B 231 -11.13 -18.44 0.59
C VAL B 231 -10.18 -19.48 -0.04
N ARG B 232 -9.51 -20.28 0.81
CA ARG B 232 -8.61 -21.36 0.40
C ARG B 232 -9.38 -22.46 -0.38
N GLU B 233 -10.51 -22.97 0.18
CA GLU B 233 -11.39 -23.97 -0.46
C GLU B 233 -11.94 -23.43 -1.81
N LEU B 234 -12.39 -22.16 -1.82
CA LEU B 234 -12.94 -21.54 -3.03
C LEU B 234 -11.86 -21.30 -4.08
N SER B 235 -10.59 -21.08 -3.66
CA SER B 235 -9.45 -20.84 -4.58
C SER B 235 -8.90 -22.12 -5.24
N LYS B 236 -9.13 -23.30 -4.62
CA LYS B 236 -8.65 -24.60 -5.11
C LYS B 236 -9.31 -25.00 -6.44
N GLN B 246 -12.51 -23.79 -10.22
CA GLN B 246 -12.50 -23.18 -8.88
C GLN B 246 -13.89 -23.12 -8.24
N GLY B 247 -13.92 -23.11 -6.92
CA GLY B 247 -15.14 -22.97 -6.14
C GLY B 247 -15.75 -21.59 -6.27
N PHE B 248 -14.91 -20.56 -6.52
CA PHE B 248 -15.34 -19.17 -6.67
C PHE B 248 -16.29 -18.99 -7.84
N TRP B 249 -15.94 -19.62 -8.99
CA TRP B 249 -16.72 -19.58 -10.22
C TRP B 249 -18.10 -20.26 -10.02
N GLU B 250 -18.10 -21.45 -9.38
CA GLU B 250 -19.30 -22.24 -9.05
C GLU B 250 -20.25 -21.46 -8.14
N GLU B 251 -19.70 -20.82 -7.13
CA GLU B 251 -20.50 -20.07 -6.18
C GLU B 251 -21.14 -18.84 -6.83
N PHE B 252 -20.37 -18.11 -7.66
CA PHE B 252 -20.78 -16.90 -8.40
C PHE B 252 -21.84 -17.20 -9.48
N GLU B 253 -21.61 -18.27 -10.27
CA GLU B 253 -22.59 -18.71 -11.25
C GLU B 253 -23.87 -19.27 -10.61
N THR B 254 -23.81 -19.85 -9.40
CA THR B 254 -25.05 -20.26 -8.71
C THR B 254 -25.84 -18.97 -8.34
N LEU B 255 -25.13 -17.89 -7.95
CA LEU B 255 -25.76 -16.60 -7.63
C LEU B 255 -26.45 -15.95 -8.84
N GLN B 256 -25.78 -15.98 -10.00
CA GLN B 256 -26.28 -15.41 -11.24
C GLN B 256 -27.58 -16.03 -11.72
N GLN B 257 -27.74 -17.37 -11.53
CA GLN B 257 -28.91 -18.16 -11.93
C GLN B 257 -30.15 -17.69 -11.22
N GLN B 258 -29.96 -17.06 -10.05
CA GLN B 258 -31.03 -16.55 -9.24
C GLN B 258 -31.48 -15.11 -9.60
N GLU B 259 -30.86 -14.50 -10.62
CA GLU B 259 -31.18 -13.12 -11.03
C GLU B 259 -32.53 -12.99 -11.72
N CYS B 260 -33.06 -14.12 -12.27
CA CYS B 260 -34.35 -14.20 -12.95
CA CYS B 260 -34.35 -14.13 -12.94
C CYS B 260 -35.52 -13.92 -11.97
N LYS B 261 -35.27 -14.08 -10.66
CA LYS B 261 -36.23 -13.83 -9.59
C LYS B 261 -36.25 -12.32 -9.22
N LEU B 262 -35.36 -11.50 -9.85
CA LEU B 262 -35.29 -10.07 -9.51
C LEU B 262 -35.66 -9.12 -10.68
N LEU B 263 -36.55 -9.58 -11.59
CA LEU B 263 -37.02 -8.79 -12.73
C LEU B 263 -38.26 -7.95 -12.34
N TYR B 264 -38.08 -7.08 -11.34
CA TYR B 264 -39.11 -6.18 -10.85
C TYR B 264 -39.28 -5.04 -11.85
N SER B 265 -40.44 -4.38 -11.79
CA SER B 265 -40.76 -3.28 -12.70
C SER B 265 -39.82 -2.04 -12.58
N ARG B 266 -39.51 -1.46 -13.74
CA ARG B 266 -38.69 -0.26 -13.88
C ARG B 266 -39.40 0.68 -14.85
N LYS B 267 -40.74 0.76 -14.72
CA LYS B 267 -41.63 1.54 -15.56
C LYS B 267 -41.38 3.08 -15.54
N GLU B 268 -41.10 3.67 -14.35
CA GLU B 268 -40.83 5.11 -14.21
C GLU B 268 -39.63 5.56 -15.01
N GLY B 269 -38.57 4.76 -14.98
CA GLY B 269 -37.35 5.01 -15.75
C GLY B 269 -37.58 4.93 -17.25
N GLN B 270 -38.65 4.24 -17.66
CA GLN B 270 -39.04 4.01 -19.06
C GLN B 270 -39.92 5.14 -19.64
N ARG B 271 -40.56 6.00 -18.78
CA ARG B 271 -41.39 7.13 -19.23
C ARG B 271 -40.62 8.06 -20.16
N GLN B 272 -41.32 8.64 -21.16
CA GLN B 272 -40.72 9.50 -22.20
C GLN B 272 -39.93 10.66 -21.60
N GLU B 273 -40.53 11.31 -20.60
CA GLU B 273 -39.99 12.46 -19.88
C GLU B 273 -38.70 12.10 -19.11
N ASN B 274 -38.45 10.79 -18.84
CA ASN B 274 -37.29 10.35 -18.04
C ASN B 274 -36.16 9.72 -18.81
N LYS B 275 -36.36 9.45 -20.10
CA LYS B 275 -35.37 8.78 -20.94
C LYS B 275 -34.00 9.43 -20.91
N ASN B 276 -33.91 10.76 -21.09
CA ASN B 276 -32.59 11.38 -21.12
C ASN B 276 -32.01 11.69 -19.71
N LYS B 277 -32.69 11.22 -18.64
CA LYS B 277 -32.23 11.35 -17.25
C LYS B 277 -31.44 10.08 -16.85
N ASN B 278 -31.28 9.15 -17.79
CA ASN B 278 -30.52 7.90 -17.63
C ASN B 278 -29.29 7.96 -18.52
N ARG B 279 -28.15 7.52 -17.99
CA ARG B 279 -26.86 7.47 -18.68
C ARG B 279 -26.92 6.36 -19.75
N TYR B 280 -27.53 5.23 -19.37
CA TYR B 280 -27.76 4.04 -20.19
C TYR B 280 -29.26 3.76 -20.17
N LYS B 281 -29.89 3.78 -21.36
CA LYS B 281 -31.35 3.65 -21.55
C LYS B 281 -32.00 2.43 -20.91
N ASN B 282 -31.26 1.32 -20.78
CA ASN B 282 -31.78 0.08 -20.22
C ASN B 282 -31.31 -0.22 -18.80
N ILE B 283 -30.46 0.64 -18.21
CA ILE B 283 -30.05 0.44 -16.84
C ILE B 283 -30.93 1.37 -16.01
N LEU B 284 -32.05 0.82 -15.52
CA LEU B 284 -33.07 1.62 -14.82
C LEU B 284 -33.29 1.26 -13.32
N PRO B 285 -33.72 2.23 -12.48
CA PRO B 285 -33.99 1.89 -11.07
C PRO B 285 -35.34 1.14 -10.89
N PHE B 286 -35.42 0.20 -9.94
CA PHE B 286 -36.65 -0.50 -9.64
C PHE B 286 -37.64 0.54 -9.08
N ASP B 287 -38.92 0.48 -9.51
CA ASP B 287 -39.94 1.41 -9.04
C ASP B 287 -40.11 1.35 -7.53
N HIS B 288 -40.05 0.14 -6.92
CA HIS B 288 -40.31 -0.04 -5.48
C HIS B 288 -39.19 0.50 -4.56
N THR B 289 -37.93 0.70 -5.06
CA THR B 289 -36.84 1.26 -4.23
C THR B 289 -36.29 2.61 -4.74
N ARG B 290 -36.84 3.10 -5.85
CA ARG B 290 -36.31 4.32 -6.46
C ARG B 290 -36.37 5.52 -5.51
N VAL B 291 -35.41 6.44 -5.65
CA VAL B 291 -35.49 7.68 -4.87
C VAL B 291 -36.55 8.58 -5.56
N VAL B 292 -37.65 8.89 -4.87
CA VAL B 292 -38.73 9.76 -5.35
C VAL B 292 -38.45 11.19 -4.86
N LEU B 293 -38.27 12.12 -5.80
CA LEU B 293 -38.01 13.53 -5.54
C LEU B 293 -39.31 14.33 -5.38
N HIS B 294 -39.45 15.02 -4.25
CA HIS B 294 -40.58 15.89 -3.90
C HIS B 294 -40.09 17.33 -4.00
N VAL B 302 -42.53 15.88 -15.32
CA VAL B 302 -41.94 15.00 -14.31
C VAL B 302 -40.73 15.67 -13.64
N SER B 303 -40.82 15.91 -12.32
CA SER B 303 -39.73 16.47 -11.54
C SER B 303 -39.40 15.52 -10.38
N ASP B 304 -40.01 14.31 -10.36
CA ASP B 304 -39.86 13.32 -9.27
C ASP B 304 -38.80 12.20 -9.50
N TYR B 305 -38.16 12.18 -10.69
CA TYR B 305 -37.27 11.12 -11.13
C TYR B 305 -35.77 11.37 -11.05
N ILE B 306 -35.07 10.34 -10.59
CA ILE B 306 -33.62 10.25 -10.55
C ILE B 306 -33.29 8.75 -10.68
N ASN B 307 -32.23 8.39 -11.42
CA ASN B 307 -31.77 7.01 -11.56
C ASN B 307 -30.90 6.70 -10.29
N ALA B 308 -31.60 6.42 -9.20
CA ALA B 308 -31.07 6.17 -7.87
C ALA B 308 -32.04 5.25 -7.11
N ASN B 309 -31.49 4.39 -6.25
CA ASN B 309 -32.29 3.52 -5.39
C ASN B 309 -31.76 3.58 -3.97
N ILE B 310 -32.65 3.45 -3.01
CA ILE B 310 -32.28 3.32 -1.61
C ILE B 310 -31.86 1.85 -1.43
N ILE B 311 -30.76 1.60 -0.74
CA ILE B 311 -30.30 0.24 -0.39
C ILE B 311 -30.33 0.13 1.15
N MET B 312 -31.25 -0.67 1.68
CA MET B 312 -31.35 -0.92 3.10
C MET B 312 -30.82 -2.33 3.38
N PRO B 313 -29.76 -2.50 4.22
CA PRO B 313 -29.24 -3.86 4.51
C PRO B 313 -30.23 -4.76 5.25
N LYS B 326 -27.31 1.97 9.09
CA LYS B 326 -26.69 2.67 7.95
C LYS B 326 -27.32 2.20 6.63
N SER B 327 -27.92 3.12 5.86
CA SER B 327 -28.47 2.83 4.54
C SER B 327 -27.67 3.55 3.43
N TYR B 328 -27.93 3.17 2.17
CA TYR B 328 -27.18 3.69 1.03
C TYR B 328 -28.09 4.15 -0.05
N ILE B 329 -27.56 5.01 -0.90
CA ILE B 329 -28.22 5.41 -2.12
C ILE B 329 -27.22 5.07 -3.19
N ALA B 330 -27.58 4.11 -4.04
CA ALA B 330 -26.77 3.68 -5.17
C ALA B 330 -27.36 4.42 -6.39
N THR B 331 -26.51 5.15 -7.11
CA THR B 331 -26.92 5.98 -8.24
C THR B 331 -25.88 5.98 -9.35
N GLN B 332 -26.28 6.43 -10.53
CA GLN B 332 -25.38 6.53 -11.67
C GLN B 332 -24.53 7.83 -11.51
N GLY B 333 -23.51 7.99 -12.35
CA GLY B 333 -22.74 9.23 -12.42
C GLY B 333 -23.63 10.29 -13.05
N CYS B 334 -23.55 11.56 -12.53
CA CYS B 334 -24.32 12.73 -12.99
C CYS B 334 -24.23 12.95 -14.47
N LEU B 335 -25.34 13.39 -15.06
CA LEU B 335 -25.39 13.84 -16.44
C LEU B 335 -25.49 15.37 -16.31
N GLN B 336 -25.18 16.13 -17.39
CA GLN B 336 -25.27 17.61 -17.34
C GLN B 336 -26.69 18.08 -16.97
N ASN B 337 -27.73 17.38 -17.44
CA ASN B 337 -29.13 17.69 -17.17
C ASN B 337 -29.67 17.07 -15.86
N THR B 338 -28.85 16.31 -15.09
CA THR B 338 -29.34 15.70 -13.84
C THR B 338 -28.60 16.19 -12.59
N VAL B 339 -27.69 17.16 -12.74
CA VAL B 339 -26.92 17.74 -11.63
C VAL B 339 -27.82 18.42 -10.60
N ASN B 340 -28.89 19.11 -11.06
CA ASN B 340 -29.81 19.77 -10.13
C ASN B 340 -30.63 18.75 -9.37
N ASP B 341 -31.02 17.63 -10.05
CA ASP B 341 -31.76 16.50 -9.48
C ASP B 341 -30.89 15.74 -8.44
N PHE B 342 -29.57 15.64 -8.68
CA PHE B 342 -28.65 15.02 -7.74
C PHE B 342 -28.59 15.82 -6.38
N TRP B 343 -28.46 17.18 -6.45
CA TRP B 343 -28.43 18.00 -5.22
C TRP B 343 -29.79 18.04 -4.48
N ARG B 344 -30.91 17.89 -5.21
CA ARG B 344 -32.26 17.82 -4.64
C ARG B 344 -32.36 16.52 -3.85
N MET B 345 -31.77 15.45 -4.41
CA MET B 345 -31.72 14.18 -3.71
C MET B 345 -30.87 14.23 -2.42
N VAL B 346 -29.62 14.77 -2.48
CA VAL B 346 -28.76 14.88 -1.29
C VAL B 346 -29.47 15.64 -0.14
N PHE B 347 -30.07 16.80 -0.48
CA PHE B 347 -30.79 17.65 0.46
C PHE B 347 -32.02 16.94 1.09
N GLN B 348 -32.89 16.36 0.25
CA GLN B 348 -34.14 15.70 0.66
C GLN B 348 -33.87 14.49 1.56
N GLU B 349 -32.89 13.68 1.18
CA GLU B 349 -32.57 12.48 1.92
C GLU B 349 -31.75 12.72 3.18
N ASN B 350 -31.25 13.94 3.38
CA ASN B 350 -30.43 14.37 4.51
C ASN B 350 -29.09 13.63 4.52
N SER B 351 -28.61 13.21 3.31
CA SER B 351 -27.31 12.54 3.17
C SER B 351 -26.17 13.53 3.48
N ARG B 352 -25.16 13.06 4.26
CA ARG B 352 -24.03 13.90 4.65
C ARG B 352 -22.70 13.41 4.10
N VAL B 353 -22.72 12.24 3.41
CA VAL B 353 -21.52 11.61 2.87
C VAL B 353 -21.80 11.13 1.42
N ILE B 354 -20.87 11.40 0.52
CA ILE B 354 -20.97 10.99 -0.88
C ILE B 354 -19.70 10.23 -1.19
N VAL B 355 -19.84 9.08 -1.84
CA VAL B 355 -18.76 8.20 -2.23
C VAL B 355 -18.77 8.11 -3.76
N MET B 356 -17.76 8.72 -4.36
CA MET B 356 -17.55 8.72 -5.80
C MET B 356 -16.44 7.70 -6.02
N THR B 357 -16.74 6.62 -6.73
CA THR B 357 -15.79 5.52 -6.86
C THR B 357 -15.07 5.53 -8.21
N THR B 358 -15.35 6.53 -9.02
CA THR B 358 -14.79 6.67 -10.36
C THR B 358 -14.20 8.05 -10.62
N LYS B 359 -13.26 8.16 -11.56
CA LYS B 359 -12.73 9.47 -12.01
C LYS B 359 -13.82 10.09 -12.92
N GLU B 360 -13.69 11.38 -13.27
CA GLU B 360 -14.65 12.06 -14.17
C GLU B 360 -14.52 11.48 -15.58
N VAL B 361 -13.27 11.22 -16.00
CA VAL B 361 -12.88 10.66 -17.30
C VAL B 361 -12.02 9.39 -17.11
N GLU B 362 -12.45 8.29 -17.73
CA GLU B 362 -11.72 7.02 -17.69
C GLU B 362 -11.62 6.45 -19.10
N ARG B 363 -10.37 6.22 -19.58
CA ARG B 363 -10.02 5.73 -20.93
C ARG B 363 -10.61 6.67 -22.02
N GLY B 364 -10.48 7.98 -21.79
CA GLY B 364 -10.99 9.06 -22.64
C GLY B 364 -12.50 9.18 -22.71
N LYS B 365 -13.23 8.47 -21.82
CA LYS B 365 -14.70 8.44 -21.77
C LYS B 365 -15.25 9.10 -20.49
N SER B 366 -16.26 9.98 -20.65
CA SER B 366 -16.90 10.68 -19.53
C SER B 366 -17.77 9.71 -18.72
N LYS B 367 -17.47 9.60 -17.42
CA LYS B 367 -18.15 8.69 -16.49
C LYS B 367 -19.09 9.41 -15.53
N CYS B 368 -18.88 10.72 -15.35
CA CYS B 368 -19.62 11.57 -14.42
C CYS B 368 -19.31 13.04 -14.77
N VAL B 369 -20.30 13.88 -14.66
CA VAL B 369 -20.12 15.31 -14.88
C VAL B 369 -19.67 15.91 -13.51
N LYS B 370 -18.82 16.96 -13.53
CA LYS B 370 -18.35 17.62 -12.32
C LYS B 370 -19.56 18.34 -11.69
N TYR B 371 -20.07 17.81 -10.60
CA TYR B 371 -21.27 18.34 -9.96
C TYR B 371 -20.96 19.22 -8.75
N TRP B 372 -19.66 19.39 -8.41
CA TRP B 372 -19.22 20.20 -7.28
C TRP B 372 -18.44 21.43 -7.76
N PRO B 373 -18.39 22.57 -7.03
CA PRO B 373 -17.55 23.69 -7.49
C PRO B 373 -16.07 23.43 -7.21
N ASP B 374 -15.18 24.24 -7.80
CA ASP B 374 -13.73 24.20 -7.51
C ASP B 374 -13.55 24.66 -6.08
N GLU B 375 -12.41 24.33 -5.45
CA GLU B 375 -12.11 24.72 -4.08
C GLU B 375 -12.32 26.22 -3.84
N TYR B 376 -12.97 26.55 -2.72
CA TYR B 376 -13.31 27.90 -2.24
C TYR B 376 -14.42 28.58 -3.07
N ALA B 377 -14.95 27.91 -4.14
CA ALA B 377 -15.98 28.48 -4.98
C ALA B 377 -17.40 28.12 -4.50
N LEU B 378 -18.36 28.91 -4.95
CA LEU B 378 -19.75 28.74 -4.58
C LEU B 378 -20.57 28.69 -5.88
N LYS B 379 -21.44 27.68 -6.00
CA LYS B 379 -22.26 27.49 -7.17
C LYS B 379 -23.71 27.27 -6.79
N GLU B 380 -24.63 27.67 -7.67
CA GLU B 380 -26.05 27.44 -7.53
C GLU B 380 -26.46 26.40 -8.57
N TYR B 381 -27.06 25.30 -8.11
CA TYR B 381 -27.54 24.17 -8.92
C TYR B 381 -29.07 24.17 -8.76
N GLY B 382 -29.75 24.99 -9.54
CA GLY B 382 -31.18 25.19 -9.38
C GLY B 382 -31.42 25.91 -8.06
N VAL B 383 -32.28 25.35 -7.21
CA VAL B 383 -32.62 25.91 -5.89
C VAL B 383 -31.57 25.58 -4.78
N MET B 384 -30.54 24.75 -5.10
CA MET B 384 -29.50 24.30 -4.17
C MET B 384 -28.20 25.07 -4.38
N ARG B 385 -27.64 25.55 -3.28
CA ARG B 385 -26.37 26.29 -3.24
C ARG B 385 -25.33 25.34 -2.65
N VAL B 386 -24.18 25.22 -3.30
CA VAL B 386 -23.08 24.38 -2.85
C VAL B 386 -21.81 25.20 -2.76
N ARG B 387 -21.23 25.23 -1.55
CA ARG B 387 -19.96 25.88 -1.29
C ARG B 387 -18.88 24.77 -1.21
N ASN B 388 -17.73 24.91 -1.91
CA ASN B 388 -16.64 23.95 -1.72
C ASN B 388 -15.71 24.60 -0.69
N VAL B 389 -15.84 24.21 0.59
CA VAL B 389 -15.10 24.77 1.73
C VAL B 389 -13.58 24.44 1.71
N LYS B 390 -13.22 23.16 1.55
CA LYS B 390 -11.84 22.68 1.60
C LYS B 390 -11.68 21.31 0.95
N GLU B 391 -10.62 21.16 0.15
CA GLU B 391 -10.29 19.88 -0.48
C GLU B 391 -9.01 19.34 0.15
N SER B 392 -8.98 18.04 0.50
CA SER B 392 -7.83 17.37 1.11
C SER B 392 -7.49 16.12 0.29
N ALA B 393 -6.30 16.08 -0.31
CA ALA B 393 -5.91 14.94 -1.14
C ALA B 393 -4.96 13.98 -0.44
N ALA B 394 -5.29 12.69 -0.51
CA ALA B 394 -4.52 11.56 -0.03
C ALA B 394 -4.13 10.81 -1.32
N HIS B 395 -3.39 9.68 -1.22
CA HIS B 395 -3.00 8.95 -2.43
C HIS B 395 -4.22 8.30 -3.10
N ASP B 396 -5.01 7.55 -2.32
CA ASP B 396 -6.18 6.81 -2.77
C ASP B 396 -7.43 7.64 -3.06
N TYR B 397 -7.61 8.78 -2.38
CA TYR B 397 -8.81 9.58 -2.55
C TYR B 397 -8.62 11.08 -2.27
N THR B 398 -9.60 11.87 -2.70
CA THR B 398 -9.70 13.31 -2.43
C THR B 398 -10.94 13.44 -1.55
N LEU B 399 -10.86 14.29 -0.52
CA LEU B 399 -11.99 14.57 0.35
C LEU B 399 -12.38 16.02 0.13
N ARG B 400 -13.64 16.24 -0.24
CA ARG B 400 -14.18 17.59 -0.49
C ARG B 400 -15.22 17.96 0.56
N GLU B 401 -14.97 19.05 1.29
CA GLU B 401 -15.89 19.51 2.31
C GLU B 401 -16.81 20.51 1.64
N LEU B 402 -18.12 20.18 1.55
CA LEU B 402 -19.09 20.99 0.83
C LEU B 402 -20.17 21.46 1.75
N LYS B 403 -20.67 22.68 1.55
CA LYS B 403 -21.77 23.19 2.35
C LYS B 403 -22.97 23.30 1.40
N LEU B 404 -24.02 22.54 1.70
CA LEU B 404 -25.24 22.49 0.90
C LEU B 404 -26.37 23.17 1.63
N SER B 405 -27.11 24.04 0.94
CA SER B 405 -28.27 24.71 1.49
C SER B 405 -29.22 25.07 0.35
N LYS B 406 -30.47 25.38 0.70
CA LYS B 406 -31.45 25.82 -0.28
C LYS B 406 -31.34 27.36 -0.37
N VAL B 407 -31.37 27.89 -1.61
CA VAL B 407 -31.30 29.34 -1.91
C VAL B 407 -32.47 30.07 -1.20
N GLY B 408 -32.17 31.20 -0.58
CA GLY B 408 -33.16 31.99 0.17
C GLY B 408 -33.51 31.45 1.54
N GLN B 409 -32.78 30.42 2.01
CA GLN B 409 -33.00 29.72 3.29
C GLN B 409 -31.68 29.37 4.02
N GLY B 410 -31.11 30.34 4.76
CA GLY B 410 -29.88 30.17 5.53
C GLY B 410 -29.89 29.01 6.52
N ASN B 411 -31.06 28.83 7.19
CA ASN B 411 -31.37 27.78 8.18
C ASN B 411 -31.30 26.33 7.66
N THR B 412 -31.08 26.11 6.35
CA THR B 412 -31.08 24.77 5.75
C THR B 412 -29.70 24.18 5.51
N GLU B 413 -28.63 24.94 5.82
CA GLU B 413 -27.25 24.53 5.57
C GLU B 413 -26.78 23.34 6.42
N ARG B 414 -26.05 22.42 5.77
CA ARG B 414 -25.40 21.23 6.35
C ARG B 414 -24.16 20.92 5.52
N THR B 415 -23.15 20.32 6.15
CA THR B 415 -21.91 19.95 5.49
C THR B 415 -22.10 18.59 4.79
N VAL B 416 -21.70 18.51 3.52
CA VAL B 416 -21.70 17.26 2.76
C VAL B 416 -20.21 16.88 2.55
N TRP B 417 -19.82 15.68 3.01
CA TRP B 417 -18.44 15.21 2.88
C TRP B 417 -18.36 14.29 1.64
N GLN B 418 -17.60 14.70 0.61
CA GLN B 418 -17.49 13.93 -0.63
C GLN B 418 -16.16 13.19 -0.71
N TYR B 419 -16.21 11.87 -0.72
CA TYR B 419 -15.06 10.98 -0.78
C TYR B 419 -14.93 10.49 -2.21
N HIS B 420 -13.90 10.92 -2.87
CA HIS B 420 -13.71 10.58 -4.28
C HIS B 420 -12.53 9.65 -4.44
N PHE B 421 -12.79 8.34 -4.52
CA PHE B 421 -11.78 7.28 -4.76
C PHE B 421 -11.26 7.45 -6.18
N ARG B 422 -9.94 7.56 -6.31
CA ARG B 422 -9.29 7.86 -7.58
C ARG B 422 -8.38 6.76 -8.12
N THR B 423 -8.10 5.70 -7.34
CA THR B 423 -7.14 4.68 -7.71
C THR B 423 -7.71 3.31 -8.11
N TRP B 424 -9.05 3.20 -8.30
CA TRP B 424 -9.64 1.96 -8.79
C TRP B 424 -9.12 1.79 -10.25
N PRO B 425 -8.66 0.59 -10.69
CA PRO B 425 -8.14 0.48 -12.07
C PRO B 425 -9.23 0.58 -13.15
N ASP B 426 -8.86 1.01 -14.36
CA ASP B 426 -9.75 1.18 -15.52
C ASP B 426 -10.59 -0.10 -15.79
N HIS B 427 -9.91 -1.27 -15.76
CA HIS B 427 -10.53 -2.59 -15.92
C HIS B 427 -10.09 -3.50 -14.79
N GLY B 428 -10.99 -4.36 -14.36
CA GLY B 428 -10.73 -5.31 -13.29
C GLY B 428 -10.93 -4.68 -11.94
N VAL B 429 -10.29 -5.27 -10.94
CA VAL B 429 -10.39 -4.86 -9.53
C VAL B 429 -9.00 -4.58 -8.94
N PRO B 430 -8.85 -3.78 -7.85
CA PRO B 430 -7.51 -3.59 -7.26
C PRO B 430 -6.87 -4.91 -6.80
N SER B 431 -5.54 -5.05 -7.04
CA SER B 431 -4.74 -6.22 -6.66
C SER B 431 -4.66 -6.43 -5.14
N ASP B 432 -4.74 -5.33 -4.36
CA ASP B 432 -4.72 -5.34 -2.90
C ASP B 432 -6.01 -4.66 -2.37
N PRO B 433 -6.77 -5.23 -1.41
CA PRO B 433 -7.97 -4.54 -0.91
C PRO B 433 -7.77 -3.46 0.16
N GLY B 434 -6.55 -3.34 0.69
CA GLY B 434 -6.15 -2.39 1.74
C GLY B 434 -6.55 -0.94 1.53
N GLY B 435 -6.36 -0.43 0.31
CA GLY B 435 -6.71 0.92 -0.10
C GLY B 435 -8.21 1.17 -0.03
N VAL B 436 -9.01 0.17 -0.49
CA VAL B 436 -10.49 0.22 -0.46
C VAL B 436 -10.96 0.12 1.01
N LEU B 437 -10.29 -0.71 1.84
CA LEU B 437 -10.67 -0.91 3.25
C LEU B 437 -10.44 0.29 4.13
N ASP B 438 -9.27 0.92 3.99
CA ASP B 438 -8.85 2.10 4.74
C ASP B 438 -9.78 3.29 4.40
N PHE B 439 -10.20 3.37 3.13
CA PHE B 439 -11.12 4.37 2.58
C PHE B 439 -12.51 4.19 3.20
N LEU B 440 -13.00 2.94 3.24
CA LEU B 440 -14.31 2.62 3.83
C LEU B 440 -14.35 2.82 5.36
N GLU B 441 -13.20 2.59 6.04
CA GLU B 441 -13.07 2.83 7.47
C GLU B 441 -13.26 4.35 7.77
N GLU B 442 -12.60 5.21 6.96
CA GLU B 442 -12.71 6.67 7.08
C GLU B 442 -14.16 7.18 6.79
N VAL B 443 -14.82 6.64 5.73
CA VAL B 443 -16.23 6.91 5.36
C VAL B 443 -17.17 6.48 6.50
N HIS B 444 -16.90 5.31 7.10
CA HIS B 444 -17.67 4.79 8.24
C HIS B 444 -17.56 5.69 9.49
N HIS B 445 -16.34 6.11 9.89
CA HIS B 445 -16.15 6.97 11.07
C HIS B 445 -16.75 8.38 10.87
N LYS B 446 -16.75 8.90 9.63
CA LYS B 446 -17.35 10.20 9.25
C LYS B 446 -18.86 10.19 9.45
N GLN B 447 -19.51 9.17 8.87
CA GLN B 447 -20.96 8.95 8.90
C GLN B 447 -21.45 8.78 10.35
N GLU B 448 -20.69 8.00 11.13
CA GLU B 448 -20.94 7.71 12.52
C GLU B 448 -20.86 8.96 13.43
N SER B 449 -19.89 9.84 13.22
CA SER B 449 -19.73 11.10 13.95
C SER B 449 -20.84 12.16 13.70
N ILE B 450 -21.66 12.02 12.62
CA ILE B 450 -22.74 12.97 12.24
C ILE B 450 -24.09 12.47 12.73
N MET B 451 -24.65 13.16 13.72
CA MET B 451 -25.93 12.80 14.34
C MET B 451 -27.06 12.94 13.32
N ASP B 452 -27.94 11.91 13.24
CA ASP B 452 -29.09 11.81 12.33
C ASP B 452 -28.74 11.97 10.82
N ALA B 453 -27.53 11.58 10.39
CA ALA B 453 -27.14 11.63 8.98
C ALA B 453 -28.03 10.68 8.16
N GLY B 454 -28.44 11.11 6.97
CA GLY B 454 -29.22 10.33 6.03
C GLY B 454 -28.38 9.26 5.38
N PRO B 455 -28.88 8.54 4.35
CA PRO B 455 -28.07 7.47 3.75
C PRO B 455 -26.82 7.96 3.07
N VAL B 456 -25.81 7.08 2.97
CA VAL B 456 -24.57 7.35 2.28
C VAL B 456 -24.81 7.21 0.75
N VAL B 457 -24.50 8.28 -0.05
CA VAL B 457 -24.64 8.28 -1.50
C VAL B 457 -23.39 7.61 -2.10
N VAL B 458 -23.56 6.61 -2.97
CA VAL B 458 -22.45 5.88 -3.62
C VAL B 458 -22.79 5.83 -5.12
N HIS B 459 -21.88 6.28 -5.98
CA HIS B 459 -22.07 6.32 -7.43
C HIS B 459 -20.77 6.08 -8.14
N CYS B 460 -20.87 5.49 -9.33
CA CYS B 460 -19.76 5.24 -10.26
C CYS B 460 -20.22 5.75 -11.64
N SER B 461 -20.47 4.88 -12.62
CA SER B 461 -20.92 5.25 -13.98
C SER B 461 -22.38 4.82 -14.15
N ALA B 462 -22.68 3.50 -14.12
CA ALA B 462 -24.07 3.04 -14.19
C ALA B 462 -24.62 2.83 -12.77
N GLY B 463 -23.74 2.86 -11.78
CA GLY B 463 -24.09 2.73 -10.37
C GLY B 463 -24.49 1.34 -9.94
N ILE B 464 -23.88 0.32 -10.56
CA ILE B 464 -24.24 -1.06 -10.23
C ILE B 464 -22.99 -1.94 -9.92
N GLY B 465 -21.91 -1.82 -10.70
CA GLY B 465 -20.70 -2.65 -10.53
C GLY B 465 -19.84 -2.29 -9.35
N ARG B 466 -19.02 -1.22 -9.51
CA ARG B 466 -18.16 -0.68 -8.45
C ARG B 466 -18.99 -0.23 -7.28
N THR B 467 -20.20 0.29 -7.57
CA THR B 467 -21.16 0.75 -6.58
C THR B 467 -21.57 -0.40 -5.69
N GLY B 468 -22.03 -1.50 -6.29
CA GLY B 468 -22.41 -2.71 -5.58
C GLY B 468 -21.28 -3.29 -4.78
N THR B 469 -20.07 -3.29 -5.33
CA THR B 469 -18.88 -3.85 -4.67
C THR B 469 -18.55 -3.07 -3.39
N PHE B 470 -18.49 -1.73 -3.45
CA PHE B 470 -18.21 -0.93 -2.24
C PHE B 470 -19.28 -1.15 -1.17
N ILE B 471 -20.57 -1.07 -1.55
CA ILE B 471 -21.70 -1.23 -0.63
C ILE B 471 -21.70 -2.60 0.10
N VAL B 472 -21.46 -3.71 -0.64
CA VAL B 472 -21.48 -5.07 -0.08
C VAL B 472 -20.34 -5.25 0.92
N ILE B 473 -19.12 -4.85 0.54
CA ILE B 473 -17.93 -4.88 1.39
C ILE B 473 -18.27 -4.12 2.69
N ASP B 474 -18.90 -2.94 2.55
CA ASP B 474 -19.26 -2.06 3.63
C ASP B 474 -20.34 -2.63 4.55
N ILE B 475 -21.32 -3.40 4.02
CA ILE B 475 -22.34 -4.07 4.85
C ILE B 475 -21.67 -5.19 5.67
N LEU B 476 -20.79 -5.94 5.00
CA LEU B 476 -20.07 -7.09 5.54
C LEU B 476 -19.08 -6.70 6.61
N ILE B 477 -18.27 -5.64 6.39
CA ILE B 477 -17.30 -5.18 7.41
C ILE B 477 -18.05 -4.56 8.61
N ASP B 478 -19.27 -4.06 8.42
CA ASP B 478 -20.10 -3.50 9.48
C ASP B 478 -20.63 -4.57 10.41
N ILE B 479 -20.99 -5.73 9.86
CA ILE B 479 -21.47 -6.92 10.58
C ILE B 479 -20.32 -7.39 11.51
N ILE B 480 -19.08 -7.46 10.95
CA ILE B 480 -17.84 -7.87 11.64
C ILE B 480 -17.41 -6.83 12.70
N ARG B 481 -17.35 -5.54 12.35
CA ARG B 481 -16.94 -4.46 13.29
C ARG B 481 -17.83 -4.38 14.54
N GLU B 482 -19.14 -4.64 14.40
CA GLU B 482 -20.12 -4.58 15.49
C GLU B 482 -20.24 -5.88 16.31
N LYS B 483 -20.23 -7.05 15.63
CA LYS B 483 -20.42 -8.36 16.28
C LYS B 483 -19.13 -9.16 16.49
N GLY B 484 -17.99 -8.60 16.13
CA GLY B 484 -16.70 -9.26 16.29
C GLY B 484 -16.47 -10.36 15.27
N VAL B 485 -15.40 -11.13 15.46
CA VAL B 485 -14.98 -12.21 14.56
C VAL B 485 -15.85 -13.48 14.74
N ASP B 486 -16.68 -13.52 15.79
CA ASP B 486 -17.56 -14.65 16.11
C ASP B 486 -18.88 -14.68 15.32
N CYS B 487 -19.13 -13.65 14.51
CA CYS B 487 -20.35 -13.53 13.71
C CYS B 487 -20.38 -14.44 12.49
N ASP B 488 -21.59 -14.71 11.97
CA ASP B 488 -21.86 -15.48 10.75
C ASP B 488 -22.02 -14.50 9.59
N ILE B 489 -21.37 -14.81 8.46
CA ILE B 489 -21.46 -14.02 7.24
C ILE B 489 -21.77 -14.94 6.04
N ASP B 490 -22.54 -14.41 5.08
CA ASP B 490 -22.99 -15.10 3.86
C ASP B 490 -22.97 -14.08 2.71
N VAL B 491 -21.90 -14.14 1.89
CA VAL B 491 -21.64 -13.23 0.78
C VAL B 491 -22.75 -13.27 -0.28
N PRO B 492 -23.11 -14.44 -0.90
CA PRO B 492 -24.15 -14.41 -1.94
C PRO B 492 -25.54 -14.05 -1.40
N LYS B 493 -25.84 -14.36 -0.12
CA LYS B 493 -27.09 -13.95 0.47
C LYS B 493 -27.13 -12.41 0.55
N THR B 494 -25.99 -11.77 0.96
CA THR B 494 -25.88 -10.30 1.07
C THR B 494 -26.02 -9.63 -0.31
N ILE B 495 -25.41 -10.21 -1.33
CA ILE B 495 -25.47 -9.72 -2.69
C ILE B 495 -26.86 -9.85 -3.27
N GLN B 496 -27.53 -11.01 -3.04
CA GLN B 496 -28.90 -11.25 -3.52
C GLN B 496 -29.85 -10.21 -2.94
N MET B 497 -29.69 -9.88 -1.65
CA MET B 497 -30.51 -8.89 -0.94
C MET B 497 -30.33 -7.45 -1.53
N VAL B 498 -29.09 -7.05 -1.88
CA VAL B 498 -28.72 -5.73 -2.45
C VAL B 498 -29.17 -5.62 -3.94
N ARG B 499 -29.16 -6.75 -4.69
CA ARG B 499 -29.64 -6.92 -6.04
C ARG B 499 -31.17 -6.87 -6.13
N SER B 500 -31.88 -7.12 -5.01
CA SER B 500 -33.34 -7.01 -4.97
C SER B 500 -33.73 -5.51 -4.80
N GLN B 501 -32.74 -4.63 -4.62
CA GLN B 501 -32.98 -3.20 -4.40
C GLN B 501 -32.47 -2.31 -5.52
N ARG B 502 -31.48 -2.77 -6.28
CA ARG B 502 -31.01 -2.13 -7.51
C ARG B 502 -30.47 -3.21 -8.41
N SER B 503 -30.90 -3.21 -9.68
CA SER B 503 -30.53 -4.21 -10.68
C SER B 503 -29.01 -4.44 -10.79
N GLY B 504 -28.60 -5.72 -10.77
CA GLY B 504 -27.21 -6.15 -10.99
C GLY B 504 -26.11 -5.52 -10.16
N MET B 505 -26.37 -5.25 -8.85
CA MET B 505 -25.37 -4.76 -7.94
C MET B 505 -24.32 -5.86 -7.83
N VAL B 506 -23.02 -5.54 -8.08
CA VAL B 506 -21.90 -6.52 -8.12
C VAL B 506 -22.03 -7.19 -9.50
N GLN B 507 -21.22 -6.72 -10.43
CA GLN B 507 -21.29 -7.12 -11.83
C GLN B 507 -20.53 -8.38 -12.25
N THR B 508 -19.30 -8.54 -11.77
CA THR B 508 -18.44 -9.62 -12.26
C THR B 508 -17.92 -10.57 -11.19
N GLU B 509 -17.34 -11.68 -11.64
CA GLU B 509 -16.74 -12.68 -10.77
C GLU B 509 -15.47 -12.12 -10.10
N ALA B 510 -14.76 -11.20 -10.80
CA ALA B 510 -13.56 -10.53 -10.27
C ALA B 510 -13.95 -9.64 -9.08
N GLN B 511 -15.11 -8.99 -9.13
CA GLN B 511 -15.63 -8.16 -8.03
C GLN B 511 -16.08 -9.05 -6.89
N TYR B 512 -16.69 -10.20 -7.24
CA TYR B 512 -17.15 -11.21 -6.29
C TYR B 512 -15.99 -11.75 -5.42
N ARG B 513 -14.85 -12.11 -6.07
CA ARG B 513 -13.64 -12.61 -5.38
C ARG B 513 -13.05 -11.49 -4.53
N PHE B 514 -13.07 -10.25 -5.09
CA PHE B 514 -12.62 -9.04 -4.42
C PHE B 514 -13.29 -8.81 -3.08
N ILE B 515 -14.62 -9.03 -3.01
CA ILE B 515 -15.40 -8.89 -1.78
C ILE B 515 -14.86 -9.89 -0.72
N TYR B 516 -14.64 -11.15 -1.11
CA TYR B 516 -14.05 -12.17 -0.23
C TYR B 516 -12.67 -11.73 0.27
N MET B 517 -11.77 -11.32 -0.67
CA MET B 517 -10.42 -10.79 -0.40
C MET B 517 -10.44 -9.60 0.57
N ALA B 518 -11.44 -8.71 0.45
CA ALA B 518 -11.55 -7.53 1.33
C ALA B 518 -12.00 -7.91 2.73
N VAL B 519 -12.98 -8.83 2.84
CA VAL B 519 -13.49 -9.30 4.12
C VAL B 519 -12.35 -10.06 4.92
N GLN B 520 -11.61 -10.90 4.21
CA GLN B 520 -10.48 -11.72 4.70
C GLN B 520 -9.40 -10.82 5.32
N HIS B 521 -8.90 -9.84 4.54
CA HIS B 521 -7.90 -8.82 4.92
C HIS B 521 -8.38 -8.01 6.13
N TYR B 522 -9.68 -7.64 6.17
CA TYR B 522 -10.26 -6.90 7.30
C TYR B 522 -10.21 -7.73 8.58
N ILE B 523 -10.57 -9.04 8.49
CA ILE B 523 -10.56 -9.97 9.62
C ILE B 523 -9.11 -10.22 10.10
N GLU B 524 -8.15 -10.38 9.15
CA GLU B 524 -6.72 -10.59 9.44
C GLU B 524 -6.08 -9.44 10.26
N THR B 525 -6.26 -8.18 9.81
CA THR B 525 -5.68 -6.96 10.41
C THR B 525 -6.39 -6.44 11.68
N LEU B 526 -7.17 -7.29 12.36
CA LEU B 526 -7.84 -6.91 13.60
C LEU B 526 -6.86 -6.96 14.78
C1 JEA C . 32.05 9.20 17.51
C2 JEA C . 33.17 9.24 16.68
C3 JEA C . 34.54 9.18 17.23
O1 JEA C . 32.40 11.88 24.94
O2 JEA C . 35.52 9.23 16.49
C11 JEA C . 31.23 12.34 24.34
C12 JEA C . 31.68 12.41 22.88
C13 JEA C . 30.83 13.63 25.08
C14 JEA C . 35.94 8.82 19.20
C15 JEA C . 32.69 9.38 15.41
C16 JEA C . 33.31 9.42 14.08
C17 JEA C . 34.17 8.40 13.60
C18 JEA C . 34.75 8.54 12.31
C19 JEA C . 33.65 10.57 11.98
C20 JEA C . 33.01 10.50 13.23
C21 JEA C . 36.30 7.62 10.55
C22 JEA C . 37.62 6.92 10.35
C23 JEA C . 37.57 8.43 10.42
C10 JEA C . 32.85 10.78 24.18
C4 JEA C . 33.37 9.06 19.39
C5 JEA C . 34.45 9.90 21.49
C6 JEA C . 33.82 11.25 21.90
C7 JEA C . 32.48 11.08 22.71
C8 JEA C . 31.55 9.97 22.10
C9 JEA C . 32.31 8.70 21.62
N1 JEA C . 34.59 9.05 18.60
N2 JEA C . 32.17 9.19 18.88
N3 JEA C . 33.43 9.13 20.78
N4 JEA C . 32.47 13.64 22.55
N5 JEA C . 31.33 9.45 15.61
N6 JEA C . 30.92 9.36 16.90
N7 JEA C . 34.48 9.62 11.52
N8 JEA C . 35.61 7.53 11.84
CL1 JEA C . 34.52 6.98 14.52
P PO4 D . 37.51 17.75 13.28
O1 PO4 D . 37.98 17.31 14.69
O2 PO4 D . 37.59 16.49 12.29
O3 PO4 D . 36.00 18.29 13.35
O4 PO4 D . 38.45 18.93 12.74
P PO4 E . 11.95 23.63 22.00
O1 PO4 E . 13.35 23.00 22.42
O2 PO4 E . 11.10 23.89 23.28
O3 PO4 E . 11.16 22.61 21.05
O4 PO4 E . 12.19 25.00 21.21
P PO4 F . 43.74 14.99 37.41
O1 PO4 F . 44.13 14.67 38.93
O2 PO4 F . 44.77 14.25 36.44
O3 PO4 F . 43.83 16.52 37.15
O4 PO4 F . 42.24 14.50 37.12
C1 JEA G . -24.62 -20.04 -4.02
C2 JEA G . -25.82 -19.89 -3.31
C3 JEA G . -26.31 -20.99 -2.41
O1 JEA G . -21.59 -27.08 -5.96
O2 JEA G . -27.40 -20.92 -1.81
C11 JEA G . -21.43 -26.18 -7.04
C12 JEA G . -22.64 -25.24 -6.81
C13 JEA G . -21.36 -27.02 -8.33
C14 JEA G . -25.90 -23.14 -1.35
C15 JEA G . -26.33 -18.67 -3.68
C16 JEA G . -27.55 -17.94 -3.38
C17 JEA G . -27.98 -17.65 -2.06
C18 JEA G . -29.23 -16.98 -1.88
C19 JEA G . -29.59 -16.91 -4.19
C20 JEA G . -28.38 -17.57 -4.45
C21 JEA G . -30.98 -16.06 -0.33
C22 JEA G . -31.60 -16.30 1.02
C23 JEA G . -32.16 -16.99 -0.20
C10 JEA G . -21.82 -26.30 -4.81
C4 JEA G . -24.21 -22.13 -3.06
C5 JEA G . -24.03 -24.65 -3.12
C6 JEA G . -24.06 -25.09 -4.60
C7 JEA G . -22.62 -25.03 -5.27
C8 JEA G . -21.86 -23.71 -4.88
C9 JEA G . -22.02 -23.31 -3.38
N1 JEA G . -25.48 -22.09 -2.33
N2 JEA G . -23.83 -21.17 -3.89
N3 JEA G . -23.45 -23.30 -3.07
N4 JEA G . -23.93 -25.80 -7.35
N5 JEA G . -25.41 -18.20 -4.58
N6 JEA G . -24.31 -19.00 -4.75
N7 JEA G . -30.00 -16.63 -2.94
N8 JEA G . -29.67 -16.63 -0.61
CL1 JEA G . -26.97 -17.99 -0.68
P PO4 H . -16.04 -18.01 -27.81
O1 PO4 H . -16.29 -19.16 -26.72
O2 PO4 H . -15.07 -18.59 -28.94
O3 PO4 H . -15.41 -16.79 -27.12
O4 PO4 H . -17.42 -17.55 -28.48
P PO4 I . -22.44 -43.27 -2.26
O1 PO4 I . -21.75 -44.53 -1.69
O2 PO4 I . -21.88 -41.99 -1.45
O3 PO4 I . -22.04 -43.09 -3.79
O4 PO4 I . -24.02 -43.38 -2.09
#